data_9KG2
#
_entry.id   9KG2
#
_cell.length_a   1.00
_cell.length_b   1.00
_cell.length_c   1.00
_cell.angle_alpha   90.00
_cell.angle_beta   90.00
_cell.angle_gamma   90.00
#
_symmetry.space_group_name_H-M   'P 1'
#
_entity_poly.entity_id   1
_entity_poly.type   'polypeptide(L)'
_entity_poly.pdbx_seq_one_letter_code
;MSETNTTDAKTVPAEAEKKKEQSLPFFKLFSFADKFDYLLMFVGSLGAIVHGSSMPVFFLLFGQMVNGFGKNQMDLHQMV
HEVSRYSLYFVYLGLVVCFSSYAEIACWMYSGERQVAALRKKYLEAVLKQDVGFFDTDARTGDIVFSVSTDTLLVQDAIS
EKVGNFIHYLSTFLAGLVVGFVSAWKLALLSVAVIPGIAFAGGLYAYTLTGITSKSRESYANAGVIAEQAIAQVRTVYSY
VGESKALNAYSDAIQYTLKLGYKAGMAKGLGLGCTYGIACMSWALVFWYAGVFIRNGQTDGGKAFTAIFSAIVGGMSLGQ
SFSNLGAFSKGKAAGYKLMEIINQRPTIIQDPLDGKCLDQVHGNIEFKDVTFSYPSRPDVMIFRNFNIFFPSGKTVAVVG
GSGSGKSTVVSLIERFYDPNSGQILLDGVEIKTLQLKFLREQIGLVNQEPALFATTILENILYGKPDATMVEVEAAASAA
NAHSFITLLPKGYDTQVGERGVQLSGGQKQRIAIARAMLKDPKILLLDEATSALDASSESIVQEALDRVMVGRTTVVVAH
RLCTIRNVDSIAVIQQGQVVETGTHEELIAKSGAYASLIRFQEMVGTRDFSNPSTRRTRSTRLSHSLSTKSLSLRSGSLR
NLSYSYSTGADGRIEMISNAETDRKTRAPENYFYRLLKLNSPEWPYSIMGAVGSILSGFIGPTFAIVMSNMIEVFYYTDY
DSMERKTKEYVFIYIGAGLYAVGAYLIQHYFFSIMGENLTTRVRRMMLSAILRNEVGWFDEDEHNSSLIAARLATDAADV
KSAIAERISVILQNMTSLLTSFIVAFIVEWRVSLLILGTFPLLVLANFAQQLSLKGFAGDTAKAHAKTSMIAGEGVSNIR
TVAAFNAQSKILSLFCHELRVPQKRSLYRSQTSGFLFGLSQLALYGSEALILWYGAHLVSKGVSTFSKVIKVFVVLVITA
NSVAETVSLAPEIIRGGEAVGSVFSVLDRQTRIDPDDADADPVETIRGDIEFRHVDFAYPSRPDVMVFRDFNLRIRAGHS
QALVGASGSGKSSVIAMIERFYDPLAGKVMIDGKDIRRLNLKSLRLKIGLVQQEPALFAATIFDNIAYGKDGATESEVID
AARAANAHGFISGLPEGYKTPVGERGVQLSGGQKQRIAIARAVLKNPTVLLLDEATSALDAESECVLQEALERLMRGRTT
VVVAHRLSTIRGVDCIGVIQDGRIVEQGSHSELVSRPEGAYSRLLQLQTHRI
;
_entity_poly.pdbx_strand_id   A
#
# COMPACT_ATOMS: atom_id res chain seq x y z
N GLU A 21 25.76 -4.96 3.34
CA GLU A 21 25.40 -6.08 2.47
C GLU A 21 26.61 -6.56 1.67
N GLN A 22 27.14 -5.68 0.83
CA GLN A 22 28.27 -5.99 -0.01
C GLN A 22 29.07 -4.71 -0.23
N SER A 23 29.95 -4.71 -1.25
CA SER A 23 30.76 -3.54 -1.52
C SER A 23 29.91 -2.32 -1.87
N LEU A 24 28.86 -2.53 -2.67
CA LEU A 24 27.93 -1.48 -3.03
C LEU A 24 28.65 -0.24 -3.62
N PRO A 25 29.51 -0.44 -4.61
CA PRO A 25 30.43 0.64 -4.99
C PRO A 25 29.78 1.66 -5.92
N PHE A 26 30.08 2.93 -5.67
CA PHE A 26 29.65 4.00 -6.56
C PHE A 26 30.61 4.08 -7.75
N PHE A 27 30.29 4.96 -8.70
CA PHE A 27 30.95 5.06 -9.99
C PHE A 27 30.93 3.76 -10.78
N LYS A 28 30.14 2.78 -10.35
CA LYS A 28 29.89 1.59 -11.15
C LYS A 28 28.49 1.56 -11.74
N LEU A 29 27.58 2.40 -11.25
CA LEU A 29 26.30 2.59 -11.91
C LEU A 29 26.45 3.32 -13.24
N PHE A 30 27.55 4.04 -13.43
CA PHE A 30 27.81 4.72 -14.70
C PHE A 30 28.74 3.87 -15.58
N SER A 31 28.23 2.71 -15.99
CA SER A 31 29.03 1.78 -16.77
C SER A 31 28.23 1.18 -17.92
N PHE A 32 27.26 1.93 -18.45
CA PHE A 32 26.46 1.42 -19.56
C PHE A 32 26.17 2.50 -20.61
N ALA A 33 26.97 3.56 -20.65
CA ALA A 33 26.81 4.64 -21.60
C ALA A 33 27.83 4.52 -22.72
N ASP A 34 27.73 5.42 -23.69
CA ASP A 34 28.61 5.42 -24.86
C ASP A 34 29.12 6.83 -25.11
N LYS A 35 29.87 6.98 -26.21
CA LYS A 35 30.43 8.28 -26.58
C LYS A 35 29.35 9.28 -26.96
N PHE A 36 28.14 8.82 -27.26
CA PHE A 36 27.03 9.70 -27.60
C PHE A 36 26.28 10.17 -26.36
N ASP A 37 26.73 9.77 -25.16
CA ASP A 37 26.04 10.11 -23.92
C ASP A 37 26.88 10.92 -22.94
N TYR A 38 28.21 10.75 -22.92
CA TYR A 38 29.03 11.49 -21.96
C TYR A 38 28.95 12.99 -22.21
N LEU A 39 28.75 13.40 -23.45
CA LEU A 39 28.63 14.82 -23.74
C LEU A 39 27.44 15.44 -23.03
N LEU A 40 26.34 14.70 -22.91
CA LEU A 40 25.21 15.17 -22.10
C LEU A 40 25.64 15.36 -20.65
N MET A 41 26.44 14.42 -20.13
CA MET A 41 26.93 14.54 -18.77
C MET A 41 27.72 15.84 -18.59
N PHE A 42 28.63 16.11 -19.53
CA PHE A 42 29.48 17.30 -19.42
C PHE A 42 28.64 18.57 -19.51
N VAL A 43 27.71 18.62 -20.45
CA VAL A 43 26.88 19.82 -20.60
C VAL A 43 26.06 20.05 -19.35
N GLY A 44 25.50 18.98 -18.78
CA GLY A 44 24.74 19.12 -17.55
C GLY A 44 25.58 19.63 -16.40
N SER A 45 26.79 19.09 -16.26
CA SER A 45 27.68 19.56 -15.19
C SER A 45 28.02 21.04 -15.37
N LEU A 46 28.31 21.45 -16.60
CA LEU A 46 28.61 22.86 -16.83
C LEU A 46 27.42 23.74 -16.50
N GLY A 47 26.21 23.31 -16.90
CA GLY A 47 25.03 24.10 -16.59
C GLY A 47 24.80 24.22 -15.10
N ALA A 48 24.99 23.13 -14.36
CA ALA A 48 24.82 23.17 -12.91
C ALA A 48 25.83 24.12 -12.27
N ILE A 49 27.09 24.05 -12.72
CA ILE A 49 28.10 24.95 -12.18
C ILE A 49 27.73 26.40 -12.45
N VAL A 50 27.28 26.71 -13.66
CA VAL A 50 26.94 28.09 -14.00
C VAL A 50 25.77 28.57 -13.15
N HIS A 51 24.73 27.75 -13.01
CA HIS A 51 23.59 28.13 -12.18
C HIS A 51 24.02 28.43 -10.75
N GLY A 52 24.78 27.51 -10.15
CA GLY A 52 25.19 27.68 -8.78
C GLY A 52 26.07 28.91 -8.57
N SER A 53 26.98 29.16 -9.50
CA SER A 53 27.79 30.38 -9.41
C SER A 53 26.94 31.62 -9.62
N SER A 54 25.87 31.52 -10.42
CA SER A 54 25.11 32.71 -10.76
C SER A 54 24.18 33.16 -9.64
N MET A 55 23.65 32.23 -8.84
CA MET A 55 22.73 32.65 -7.79
C MET A 55 23.25 33.74 -6.86
N PRO A 56 24.48 33.70 -6.34
CA PRO A 56 24.94 34.78 -5.47
C PRO A 56 25.44 36.03 -6.21
N VAL A 57 25.59 35.97 -7.54
CA VAL A 57 26.06 37.13 -8.28
C VAL A 57 25.06 38.27 -8.21
N PHE A 58 23.76 37.94 -8.20
CA PHE A 58 22.73 38.97 -8.20
C PHE A 58 22.86 39.88 -7.00
N PHE A 59 23.26 39.33 -5.84
CA PHE A 59 23.47 40.16 -4.67
C PHE A 59 24.61 41.16 -4.89
N LEU A 60 25.69 40.71 -5.52
CA LEU A 60 26.79 41.62 -5.82
C LEU A 60 26.34 42.73 -6.76
N LEU A 61 25.58 42.38 -7.79
CA LEU A 61 25.08 43.40 -8.71
C LEU A 61 24.20 44.41 -7.96
N PHE A 62 23.30 43.92 -7.12
CA PHE A 62 22.42 44.81 -6.38
C PHE A 62 23.21 45.74 -5.47
N GLY A 63 24.19 45.20 -4.75
CA GLY A 63 24.97 46.03 -3.85
C GLY A 63 25.78 47.08 -4.58
N GLN A 64 26.42 46.68 -5.69
CA GLN A 64 27.18 47.64 -6.47
C GLN A 64 26.29 48.74 -7.01
N MET A 65 25.11 48.38 -7.51
CA MET A 65 24.20 49.38 -8.06
C MET A 65 23.68 50.31 -6.98
N VAL A 66 23.38 49.78 -5.79
CA VAL A 66 22.94 50.63 -4.69
C VAL A 66 24.03 51.62 -4.30
N ASN A 67 25.27 51.13 -4.22
CA ASN A 67 26.38 52.03 -3.89
C ASN A 67 26.51 53.14 -4.93
N GLY A 68 26.45 52.77 -6.21
CA GLY A 68 26.56 53.78 -7.26
C GLY A 68 25.40 54.77 -7.21
N PHE A 69 24.20 54.28 -6.94
CA PHE A 69 23.03 55.13 -6.87
C PHE A 69 23.15 56.13 -5.73
N GLY A 70 23.65 55.68 -4.59
CA GLY A 70 23.72 56.55 -3.42
C GLY A 70 24.87 57.54 -3.48
N LYS A 71 25.99 57.14 -4.10
CA LYS A 71 27.18 57.98 -4.05
C LYS A 71 27.01 59.29 -4.81
N ASN A 72 25.98 59.41 -5.64
CA ASN A 72 25.78 60.61 -6.44
C ASN A 72 24.46 61.28 -6.10
N GLN A 73 24.19 61.46 -4.80
CA GLN A 73 22.90 61.97 -4.36
C GLN A 73 22.62 63.36 -4.93
N MET A 74 23.61 64.24 -4.92
CA MET A 74 23.47 65.62 -5.39
C MET A 74 24.18 65.83 -6.73
N ASP A 75 24.23 64.79 -7.55
CA ASP A 75 24.93 64.82 -8.84
C ASP A 75 24.02 64.23 -9.92
N LEU A 76 22.80 64.75 -9.99
CA LEU A 76 21.69 64.19 -10.75
C LEU A 76 22.05 63.55 -12.08
N HIS A 77 22.91 64.19 -12.87
CA HIS A 77 23.19 63.65 -14.19
C HIS A 77 24.18 62.49 -14.13
N GLN A 78 23.92 61.55 -13.22
CA GLN A 78 24.60 60.26 -13.19
C GLN A 78 23.65 59.09 -12.97
N MET A 79 22.39 59.35 -12.63
CA MET A 79 21.45 58.26 -12.34
C MET A 79 21.30 57.34 -13.54
N VAL A 80 20.78 57.86 -14.64
CA VAL A 80 20.55 57.02 -15.82
C VAL A 80 21.86 56.44 -16.32
N HIS A 81 22.94 57.23 -16.24
CA HIS A 81 24.23 56.80 -16.76
C HIS A 81 24.71 55.52 -16.08
N GLU A 82 24.54 55.41 -14.77
CA GLU A 82 25.01 54.25 -14.03
C GLU A 82 23.87 53.30 -13.67
N VAL A 83 22.67 53.53 -14.18
CA VAL A 83 21.56 52.61 -13.93
C VAL A 83 21.22 51.80 -15.19
N SER A 84 21.33 52.43 -16.36
CA SER A 84 21.06 51.70 -17.60
C SER A 84 22.05 50.56 -17.79
N ARG A 85 23.32 50.80 -17.44
CA ARG A 85 24.32 49.74 -17.54
C ARG A 85 23.95 48.55 -16.67
N TYR A 86 23.47 48.81 -15.46
CA TYR A 86 23.14 47.71 -14.57
C TYR A 86 21.84 47.03 -14.99
N SER A 87 20.93 47.76 -15.65
CA SER A 87 19.78 47.10 -16.28
C SER A 87 20.24 46.11 -17.33
N LEU A 88 21.20 46.53 -18.17
CA LEU A 88 21.75 45.61 -19.16
C LEU A 88 22.43 44.41 -18.48
N TYR A 89 23.12 44.67 -17.37
CA TYR A 89 23.74 43.58 -16.63
C TYR A 89 22.69 42.59 -16.12
N PHE A 90 21.58 43.10 -15.61
CA PHE A 90 20.52 42.22 -15.13
C PHE A 90 19.94 41.36 -16.25
N VAL A 91 19.71 41.96 -17.43
CA VAL A 91 19.16 41.16 -18.51
C VAL A 91 20.15 40.10 -18.97
N TYR A 92 21.45 40.43 -18.96
CA TYR A 92 22.47 39.44 -19.29
C TYR A 92 22.43 38.28 -18.31
N LEU A 93 22.36 38.59 -17.01
CA LEU A 93 22.32 37.55 -16.00
C LEU A 93 21.09 36.67 -16.16
N GLY A 94 19.95 37.28 -16.47
CA GLY A 94 18.74 36.50 -16.70
C GLY A 94 18.89 35.54 -17.86
N LEU A 95 19.46 36.00 -18.97
CA LEU A 95 19.68 35.11 -20.11
C LEU A 95 20.58 33.94 -19.73
N VAL A 96 21.67 34.23 -19.01
CA VAL A 96 22.61 33.18 -18.64
C VAL A 96 21.93 32.15 -17.76
N VAL A 97 21.16 32.60 -16.77
CA VAL A 97 20.47 31.68 -15.87
C VAL A 97 19.49 30.80 -16.64
N CYS A 98 18.71 31.43 -17.53
CA CYS A 98 17.75 30.66 -18.33
C CYS A 98 18.44 29.53 -19.09
N PHE A 99 19.47 29.87 -19.85
CA PHE A 99 20.11 28.86 -20.68
C PHE A 99 20.75 27.76 -19.83
N SER A 100 21.45 28.15 -18.77
CA SER A 100 22.11 27.16 -17.92
C SER A 100 21.12 26.18 -17.31
N SER A 101 20.03 26.70 -16.75
CA SER A 101 19.05 25.84 -16.09
C SER A 101 18.41 24.89 -17.07
N TYR A 102 18.00 25.41 -18.23
CA TYR A 102 17.36 24.56 -19.22
C TYR A 102 18.29 23.42 -19.65
N ALA A 103 19.54 23.77 -19.97
CA ALA A 103 20.50 22.76 -20.41
C ALA A 103 20.70 21.69 -19.34
N GLU A 104 20.92 22.12 -18.10
CA GLU A 104 21.18 21.15 -17.03
C GLU A 104 20.02 20.18 -16.88
N ILE A 105 18.80 20.70 -16.75
CA ILE A 105 17.65 19.83 -16.49
C ILE A 105 17.47 18.84 -17.63
N ALA A 106 17.45 19.35 -18.87
CA ALA A 106 17.19 18.46 -20.01
C ALA A 106 18.24 17.37 -20.11
N CYS A 107 19.51 17.76 -20.07
CA CYS A 107 20.57 16.78 -20.26
C CYS A 107 20.54 15.71 -19.17
N TRP A 108 20.42 16.13 -17.91
CA TRP A 108 20.48 15.18 -16.81
C TRP A 108 19.32 14.20 -16.87
N MET A 109 18.09 14.70 -17.04
CA MET A 109 16.95 13.79 -17.04
C MET A 109 17.03 12.79 -18.19
N TYR A 110 17.36 13.28 -19.40
CA TYR A 110 17.40 12.36 -20.53
C TYR A 110 18.49 11.31 -20.35
N SER A 111 19.67 11.72 -19.86
CA SER A 111 20.75 10.76 -19.69
C SER A 111 20.39 9.69 -18.67
N GLY A 112 19.77 10.09 -17.56
CA GLY A 112 19.35 9.09 -16.58
C GLY A 112 18.37 8.10 -17.16
N GLU A 113 17.37 8.62 -17.89
CA GLU A 113 16.37 7.71 -18.48
C GLU A 113 17.02 6.72 -19.42
N ARG A 114 17.93 7.19 -20.28
CA ARG A 114 18.58 6.29 -21.23
C ARG A 114 19.41 5.23 -20.52
N GLN A 115 20.17 5.63 -19.50
CA GLN A 115 21.01 4.67 -18.79
C GLN A 115 20.17 3.58 -18.15
N VAL A 116 19.06 3.96 -17.50
CA VAL A 116 18.25 2.95 -16.82
C VAL A 116 17.55 2.06 -17.82
N ALA A 117 17.11 2.61 -18.96
CA ALA A 117 16.50 1.77 -19.98
C ALA A 117 17.50 0.73 -20.50
N ALA A 118 18.73 1.15 -20.75
CA ALA A 118 19.74 0.20 -21.22
C ALA A 118 20.02 -0.87 -20.17
N LEU A 119 20.09 -0.47 -18.91
CA LEU A 119 20.32 -1.45 -17.84
C LEU A 119 19.19 -2.47 -17.76
N ARG A 120 17.94 -2.00 -17.89
CA ARG A 120 16.82 -2.94 -17.90
C ARG A 120 16.91 -3.90 -19.07
N LYS A 121 17.26 -3.38 -20.25
CA LYS A 121 17.41 -4.24 -21.42
C LYS A 121 18.42 -5.35 -21.16
N LYS A 122 19.61 -4.98 -20.67
CA LYS A 122 20.64 -5.99 -20.42
C LYS A 122 20.21 -6.97 -19.35
N TYR A 123 19.58 -6.48 -18.27
CA TYR A 123 19.17 -7.35 -17.19
C TYR A 123 18.16 -8.39 -17.66
N LEU A 124 17.12 -7.94 -18.36
CA LEU A 124 16.11 -8.89 -18.84
C LEU A 124 16.68 -9.83 -19.89
N GLU A 125 17.63 -9.35 -20.70
CA GLU A 125 18.29 -10.26 -21.64
C GLU A 125 19.03 -11.37 -20.90
N ALA A 126 19.72 -11.01 -19.81
CA ALA A 126 20.45 -12.01 -19.03
C ALA A 126 19.54 -12.88 -18.17
N VAL A 127 18.30 -12.45 -17.92
CA VAL A 127 17.41 -13.20 -17.04
C VAL A 127 17.13 -14.58 -17.63
N LEU A 128 16.79 -14.64 -18.91
CA LEU A 128 16.46 -15.90 -19.55
C LEU A 128 17.68 -16.68 -20.02
N LYS A 129 18.87 -16.06 -20.00
CA LYS A 129 20.07 -16.76 -20.44
C LYS A 129 20.37 -17.96 -19.56
N GLN A 130 20.23 -17.80 -18.25
CA GLN A 130 20.49 -18.90 -17.32
C GLN A 130 19.32 -19.87 -17.30
N ASP A 131 19.54 -21.01 -16.66
CA ASP A 131 18.54 -22.07 -16.61
C ASP A 131 17.52 -21.77 -15.51
N VAL A 132 16.56 -22.69 -15.34
CA VAL A 132 15.49 -22.52 -14.34
C VAL A 132 15.96 -22.87 -12.93
N GLY A 133 17.21 -23.32 -12.78
CA GLY A 133 17.67 -23.73 -11.46
C GLY A 133 17.57 -22.62 -10.44
N PHE A 134 17.90 -21.39 -10.85
CA PHE A 134 17.73 -20.25 -9.96
C PHE A 134 16.26 -19.91 -9.72
N PHE A 135 15.35 -20.43 -10.55
CA PHE A 135 13.94 -20.07 -10.49
C PHE A 135 13.17 -21.15 -9.75
N ASP A 136 12.73 -20.83 -8.54
CA ASP A 136 11.88 -21.71 -7.75
C ASP A 136 10.81 -20.87 -7.06
N THR A 137 9.68 -21.50 -6.74
CA THR A 137 8.59 -20.79 -6.09
C THR A 137 8.81 -20.71 -4.58
N ASP A 138 10.00 -20.27 -4.18
CA ASP A 138 10.35 -20.05 -2.78
C ASP A 138 10.46 -18.57 -2.48
N ALA A 139 9.55 -17.78 -3.04
CA ALA A 139 9.49 -16.32 -2.99
C ALA A 139 10.59 -15.66 -3.80
N ARG A 140 11.51 -16.43 -4.39
CA ARG A 140 12.52 -15.82 -5.25
C ARG A 140 11.90 -15.33 -6.55
N THR A 141 10.98 -16.09 -7.12
CA THR A 141 10.29 -15.64 -8.33
C THR A 141 9.47 -14.39 -8.05
N GLY A 142 8.82 -14.32 -6.89
CA GLY A 142 8.19 -13.08 -6.47
C GLY A 142 9.20 -11.98 -6.19
N ASP A 143 10.37 -12.36 -5.66
CA ASP A 143 11.42 -11.38 -5.42
C ASP A 143 11.91 -10.74 -6.70
N ILE A 144 11.87 -11.48 -7.81
CA ILE A 144 12.40 -10.95 -9.06
C ILE A 144 11.59 -9.75 -9.54
N VAL A 145 10.26 -9.82 -9.45
CA VAL A 145 9.42 -8.72 -9.92
C VAL A 145 9.71 -7.45 -9.11
N PHE A 146 9.80 -7.59 -7.78
CA PHE A 146 10.12 -6.46 -6.93
C PHE A 146 11.50 -5.89 -7.25
N SER A 147 12.51 -6.77 -7.32
CA SER A 147 13.87 -6.35 -7.59
C SER A 147 14.05 -5.84 -9.01
N VAL A 148 13.08 -6.02 -9.88
CA VAL A 148 13.10 -5.33 -11.17
C VAL A 148 12.50 -3.95 -10.98
N SER A 149 11.20 -3.92 -10.63
CA SER A 149 10.46 -2.67 -10.66
C SER A 149 11.03 -1.65 -9.67
N THR A 150 10.95 -1.96 -8.37
CA THR A 150 11.31 -0.98 -7.36
C THR A 150 12.78 -0.62 -7.45
N ASP A 151 13.63 -1.61 -7.71
CA ASP A 151 15.07 -1.37 -7.76
C ASP A 151 15.42 -0.45 -8.92
N THR A 152 14.87 -0.69 -10.10
CA THR A 152 15.14 0.17 -11.24
C THR A 152 14.64 1.58 -11.00
N LEU A 153 13.44 1.71 -10.43
CA LEU A 153 12.91 3.05 -10.16
C LEU A 153 13.81 3.78 -9.18
N LEU A 154 14.27 3.10 -8.13
CA LEU A 154 15.15 3.71 -7.15
C LEU A 154 16.43 4.20 -7.78
N VAL A 155 17.08 3.34 -8.58
CA VAL A 155 18.34 3.72 -9.21
C VAL A 155 18.14 4.93 -10.11
N GLN A 156 17.09 4.89 -10.95
CA GLN A 156 16.85 5.97 -11.89
C GLN A 156 16.67 7.30 -11.17
N ASP A 157 15.75 7.33 -10.20
CA ASP A 157 15.53 8.56 -9.45
C ASP A 157 16.83 9.06 -8.85
N ALA A 158 17.52 8.17 -8.11
CA ALA A 158 18.70 8.55 -7.36
C ALA A 158 19.71 9.23 -8.25
N ILE A 159 20.27 8.50 -9.22
CA ILE A 159 21.31 9.12 -10.04
C ILE A 159 20.75 10.34 -10.77
N SER A 160 19.73 10.10 -11.61
CA SER A 160 19.34 11.06 -12.64
C SER A 160 18.90 12.39 -12.08
N GLU A 161 18.46 12.46 -10.82
CA GLU A 161 18.17 13.79 -10.29
C GLU A 161 19.15 14.23 -9.22
N LYS A 162 19.47 13.36 -8.28
CA LYS A 162 20.22 13.81 -7.11
C LYS A 162 21.63 14.22 -7.48
N VAL A 163 22.25 13.62 -8.51
CA VAL A 163 23.61 14.03 -8.83
C VAL A 163 23.63 15.49 -9.27
N GLY A 164 22.73 15.86 -10.17
CA GLY A 164 22.65 17.24 -10.61
C GLY A 164 22.30 18.19 -9.49
N ASN A 165 21.34 17.82 -8.64
CA ASN A 165 20.97 18.70 -7.54
C ASN A 165 22.16 18.95 -6.60
N PHE A 166 22.88 17.88 -6.26
CA PHE A 166 24.03 18.00 -5.37
C PHE A 166 25.09 18.90 -5.99
N ILE A 167 25.39 18.72 -7.27
CA ILE A 167 26.39 19.56 -7.91
C ILE A 167 25.97 21.02 -7.89
N HIS A 168 24.70 21.28 -8.19
CA HIS A 168 24.22 22.66 -8.23
C HIS A 168 24.37 23.34 -6.87
N TYR A 169 23.96 22.67 -5.80
CA TYR A 169 24.05 23.33 -4.50
C TYR A 169 25.47 23.44 -3.99
N LEU A 170 26.34 22.47 -4.31
CA LEU A 170 27.75 22.63 -3.93
C LEU A 170 28.36 23.84 -4.63
N SER A 171 28.04 24.03 -5.92
CA SER A 171 28.55 25.18 -6.63
C SER A 171 28.04 26.48 -6.02
N THR A 172 26.76 26.50 -5.66
CA THR A 172 26.21 27.69 -4.98
C THR A 172 26.98 27.98 -3.71
N PHE A 173 27.23 26.94 -2.90
CA PHE A 173 28.00 27.10 -1.68
C PHE A 173 29.36 27.75 -1.95
N LEU A 174 30.12 27.18 -2.88
CA LEU A 174 31.48 27.66 -3.08
C LEU A 174 31.50 29.09 -3.61
N ALA A 175 30.66 29.38 -4.61
CA ALA A 175 30.64 30.72 -5.17
C ALA A 175 30.21 31.75 -4.13
N GLY A 176 29.15 31.45 -3.38
CA GLY A 176 28.73 32.38 -2.35
C GLY A 176 29.80 32.62 -1.31
N LEU A 177 30.47 31.55 -0.88
CA LEU A 177 31.50 31.70 0.14
C LEU A 177 32.64 32.58 -0.35
N VAL A 178 33.11 32.36 -1.58
CA VAL A 178 34.26 33.13 -2.06
C VAL A 178 33.88 34.59 -2.29
N VAL A 179 32.70 34.84 -2.88
CA VAL A 179 32.32 36.22 -3.15
C VAL A 179 32.04 36.94 -1.84
N GLY A 180 31.58 36.23 -0.80
CA GLY A 180 31.41 36.86 0.49
C GLY A 180 32.73 37.17 1.17
N PHE A 181 33.66 36.21 1.15
CA PHE A 181 34.94 36.44 1.80
C PHE A 181 35.69 37.60 1.18
N VAL A 182 35.81 37.61 -0.15
CA VAL A 182 36.52 38.76 -0.73
C VAL A 182 35.49 39.83 -1.03
N SER A 183 35.03 40.51 0.02
CA SER A 183 34.34 41.79 -0.10
C SER A 183 34.97 42.81 0.82
N ALA A 184 35.09 42.44 2.10
CA ALA A 184 35.56 43.33 3.15
C ALA A 184 36.53 42.64 4.10
N TRP A 185 36.51 41.30 4.10
CA TRP A 185 37.40 40.47 4.93
C TRP A 185 37.01 40.51 6.40
N LYS A 186 36.06 41.36 6.76
CA LYS A 186 35.68 41.49 8.16
C LYS A 186 34.25 41.12 8.45
N LEU A 187 33.29 41.59 7.64
CA LEU A 187 31.90 41.33 7.94
C LEU A 187 31.53 39.86 7.72
N ALA A 188 32.28 39.16 6.87
CA ALA A 188 31.95 37.78 6.56
C ALA A 188 32.03 36.90 7.81
N LEU A 189 33.08 37.08 8.62
CA LEU A 189 33.23 36.25 9.82
C LEU A 189 32.07 36.48 10.78
N LEU A 190 31.68 37.73 11.01
CA LEU A 190 30.55 38.01 11.88
C LEU A 190 29.27 37.42 11.31
N SER A 191 29.09 37.51 9.99
CA SER A 191 27.88 36.97 9.36
C SER A 191 27.80 35.47 9.55
N VAL A 192 28.90 34.75 9.34
CA VAL A 192 28.88 33.31 9.49
C VAL A 192 28.83 32.90 10.96
N ALA A 193 29.25 33.78 11.87
CA ALA A 193 29.29 33.41 13.28
C ALA A 193 27.90 33.10 13.84
N VAL A 194 26.86 33.76 13.33
CA VAL A 194 25.52 33.58 13.88
C VAL A 194 24.83 32.31 13.40
N ILE A 195 25.36 31.65 12.36
CA ILE A 195 24.68 30.47 11.82
C ILE A 195 24.61 29.33 12.84
N PRO A 196 25.70 28.95 13.54
CA PRO A 196 25.57 27.83 14.49
C PRO A 196 24.56 28.07 15.59
N GLY A 197 24.42 29.33 16.03
CA GLY A 197 23.40 29.61 17.04
C GLY A 197 22.00 29.31 16.55
N ILE A 198 21.69 29.68 15.31
CA ILE A 198 20.39 29.37 14.73
C ILE A 198 20.24 27.87 14.57
N ALA A 199 21.30 27.19 14.10
CA ALA A 199 21.22 25.76 13.85
C ALA A 199 21.00 24.98 15.14
N PHE A 200 21.56 25.44 16.26
CA PHE A 200 21.34 24.76 17.53
C PHE A 200 19.87 24.74 17.89
N ALA A 201 19.20 25.89 17.80
CA ALA A 201 17.78 25.94 18.07
C ALA A 201 16.99 25.12 17.05
N GLY A 202 17.38 25.18 15.78
CA GLY A 202 16.70 24.41 14.76
C GLY A 202 16.77 22.91 14.99
N GLY A 203 17.89 22.41 15.51
CA GLY A 203 18.02 21.01 15.81
C GLY A 203 17.31 20.60 17.08
N LEU A 204 17.39 21.46 18.10
CA LEU A 204 16.72 21.15 19.36
C LEU A 204 15.20 21.10 19.17
N TYR A 205 14.65 22.03 18.37
CA TYR A 205 13.24 22.01 18.05
C TYR A 205 12.84 20.67 17.42
N ALA A 206 13.60 20.25 16.41
CA ALA A 206 13.26 19.01 15.72
C ALA A 206 13.33 17.81 16.66
N TYR A 207 14.39 17.73 17.47
CA TYR A 207 14.54 16.60 18.37
C TYR A 207 13.41 16.55 19.38
N THR A 208 13.08 17.69 20.01
CA THR A 208 12.03 17.71 21.02
C THR A 208 10.67 17.39 20.40
N LEU A 209 10.38 17.97 19.24
CA LEU A 209 9.08 17.72 18.60
C LEU A 209 8.94 16.26 18.22
N THR A 210 9.99 15.67 17.62
CA THR A 210 9.93 14.27 17.25
C THR A 210 9.76 13.37 18.47
N GLY A 211 10.50 13.66 19.54
CA GLY A 211 10.36 12.87 20.75
C GLY A 211 8.97 12.94 21.35
N ILE A 212 8.40 14.15 21.41
CA ILE A 212 7.06 14.30 21.96
C ILE A 212 6.03 13.59 21.10
N THR A 213 6.16 13.72 19.77
CA THR A 213 5.23 13.03 18.88
C THR A 213 5.32 11.52 19.02
N SER A 214 6.54 10.99 19.11
CA SER A 214 6.71 9.55 19.28
C SER A 214 6.13 9.07 20.60
N LYS A 215 6.33 9.84 21.67
CA LYS A 215 5.75 9.48 22.96
C LYS A 215 4.23 9.52 22.89
N SER A 216 3.67 10.49 22.17
CA SER A 216 2.23 10.66 22.11
C SER A 216 1.54 9.46 21.47
N ARG A 217 2.12 8.92 20.39
CA ARG A 217 1.45 7.87 19.65
C ARG A 217 1.65 6.51 20.30
N GLU A 218 1.39 6.43 21.59
CA GLU A 218 1.36 5.16 22.31
C GLU A 218 0.10 4.98 23.14
N SER A 219 -0.41 6.05 23.75
CA SER A 219 -1.59 5.94 24.58
C SER A 219 -2.83 5.60 23.76
N TYR A 220 -2.89 6.11 22.53
CA TYR A 220 -4.06 5.87 21.69
C TYR A 220 -4.22 4.40 21.38
N ALA A 221 -3.11 3.69 21.16
CA ALA A 221 -3.19 2.26 20.86
C ALA A 221 -3.80 1.47 22.02
N ASN A 222 -3.66 1.97 23.24
CA ASN A 222 -4.18 1.26 24.41
C ASN A 222 -5.69 1.08 24.32
N ALA A 223 -6.40 1.99 23.65
CA ALA A 223 -7.81 1.81 23.37
C ALA A 223 -8.08 1.44 21.92
N GLY A 224 -7.11 1.64 21.03
CA GLY A 224 -7.24 1.12 19.68
C GLY A 224 -7.34 -0.39 19.66
N VAL A 225 -6.61 -1.06 20.56
CA VAL A 225 -6.74 -2.51 20.68
C VAL A 225 -8.13 -2.87 21.18
N ILE A 226 -8.69 -2.06 22.09
CA ILE A 226 -10.04 -2.30 22.58
C ILE A 226 -11.04 -2.18 21.43
N ALA A 227 -10.89 -1.15 20.61
CA ALA A 227 -11.78 -0.98 19.46
C ALA A 227 -11.62 -2.12 18.47
N GLU A 228 -10.37 -2.55 18.23
CA GLU A 228 -10.15 -3.66 17.30
C GLU A 228 -10.80 -4.93 17.82
N GLN A 229 -10.73 -5.17 19.12
CA GLN A 229 -11.44 -6.30 19.70
C GLN A 229 -12.95 -6.14 19.56
N ALA A 230 -13.46 -4.93 19.75
CA ALA A 230 -14.90 -4.71 19.69
C ALA A 230 -15.45 -5.00 18.30
N ILE A 231 -14.86 -4.39 17.27
CA ILE A 231 -15.31 -4.70 15.90
C ILE A 231 -14.92 -6.12 15.49
N ALA A 232 -13.91 -6.72 16.14
CA ALA A 232 -13.53 -8.08 15.81
C ALA A 232 -14.64 -9.08 16.15
N GLN A 233 -15.32 -8.86 17.29
CA GLN A 233 -16.29 -9.81 17.78
C GLN A 233 -17.68 -9.19 17.89
N VAL A 234 -18.10 -8.50 16.83
CA VAL A 234 -19.41 -7.83 16.86
C VAL A 234 -20.53 -8.83 17.10
N ARG A 235 -20.42 -10.02 16.50
CA ARG A 235 -21.47 -11.02 16.65
C ARG A 235 -21.70 -11.42 18.10
N THR A 236 -20.71 -11.21 18.96
CA THR A 236 -20.86 -11.50 20.38
C THR A 236 -21.31 -10.27 21.17
N VAL A 237 -20.79 -9.09 20.83
CA VAL A 237 -21.09 -7.90 21.62
C VAL A 237 -22.56 -7.52 21.49
N TYR A 238 -23.19 -7.81 20.35
CA TYR A 238 -24.61 -7.52 20.22
C TYR A 238 -25.44 -8.35 21.18
N SER A 239 -25.07 -9.61 21.38
CA SER A 239 -25.58 -10.36 22.53
C SER A 239 -25.03 -9.74 23.79
N TYR A 240 -25.85 -9.72 24.84
CA TYR A 240 -25.46 -9.14 26.12
C TYR A 240 -25.06 -7.67 25.93
N VAL A 241 -25.81 -6.96 25.08
CA VAL A 241 -25.32 -5.70 24.54
C VAL A 241 -25.13 -4.67 25.65
N GLY A 242 -23.88 -4.25 25.83
CA GLY A 242 -23.59 -3.06 26.61
C GLY A 242 -23.29 -1.89 25.71
N GLU A 243 -22.41 -2.11 24.73
CA GLU A 243 -22.09 -1.17 23.67
C GLU A 243 -21.73 0.23 24.19
N SER A 244 -21.47 0.33 25.47
CA SER A 244 -21.21 1.62 26.11
C SER A 244 -19.92 1.63 26.92
N LYS A 245 -19.59 0.53 27.60
CA LYS A 245 -18.37 0.51 28.40
C LYS A 245 -17.13 0.67 27.53
N ALA A 246 -17.12 0.03 26.36
CA ALA A 246 -16.02 0.21 25.43
C ALA A 246 -15.91 1.67 24.99
N LEU A 247 -17.05 2.31 24.75
CA LEU A 247 -17.04 3.73 24.39
C LEU A 247 -16.48 4.57 25.53
N ASN A 248 -16.84 4.24 26.77
CA ASN A 248 -16.32 4.98 27.91
C ASN A 248 -14.80 4.83 28.02
N ALA A 249 -14.29 3.62 27.82
CA ALA A 249 -12.84 3.42 27.86
C ALA A 249 -12.17 4.17 26.72
N TYR A 250 -12.79 4.19 25.54
CA TYR A 250 -12.24 4.92 24.42
C TYR A 250 -12.15 6.40 24.74
N SER A 251 -13.19 6.96 25.37
CA SER A 251 -13.16 8.35 25.80
C SER A 251 -12.06 8.58 26.83
N ASP A 252 -11.89 7.64 27.77
CA ASP A 252 -10.87 7.79 28.80
C ASP A 252 -9.48 7.88 28.17
N ALA A 253 -9.20 7.03 27.18
CA ALA A 253 -7.89 7.07 26.54
C ALA A 253 -7.72 8.31 25.67
N ILE A 254 -8.78 8.70 24.94
CA ILE A 254 -8.70 9.87 24.09
C ILE A 254 -8.49 11.13 24.92
N GLN A 255 -8.91 11.13 26.19
CA GLN A 255 -8.65 12.27 27.05
C GLN A 255 -7.14 12.46 27.27
N TYR A 256 -6.43 11.38 27.58
CA TYR A 256 -4.98 11.47 27.74
C TYR A 256 -4.32 11.87 26.42
N THR A 257 -4.80 11.30 25.31
CA THR A 257 -4.24 11.70 24.01
C THR A 257 -4.43 13.19 23.76
N LEU A 258 -5.58 13.72 24.14
CA LEU A 258 -5.83 15.16 24.03
C LEU A 258 -4.84 15.95 24.88
N LYS A 259 -4.58 15.49 26.10
CA LYS A 259 -3.64 16.20 26.97
C LYS A 259 -2.25 16.27 26.34
N LEU A 260 -1.76 15.12 25.85
CA LEU A 260 -0.46 15.12 25.19
C LEU A 260 -0.47 15.97 23.92
N GLY A 261 -1.60 16.02 23.22
CA GLY A 261 -1.69 16.89 22.05
C GLY A 261 -1.54 18.36 22.41
N TYR A 262 -2.20 18.78 23.50
CA TYR A 262 -2.01 20.15 23.98
C TYR A 262 -0.56 20.42 24.30
N LYS A 263 0.09 19.48 24.99
CA LYS A 263 1.50 19.67 25.34
C LYS A 263 2.36 19.83 24.09
N ALA A 264 2.12 18.98 23.09
CA ALA A 264 2.91 19.04 21.86
C ALA A 264 2.70 20.38 21.14
N GLY A 265 1.45 20.83 21.05
CA GLY A 265 1.19 22.10 20.39
C GLY A 265 1.87 23.27 21.09
N MET A 266 1.77 23.30 22.42
CA MET A 266 2.42 24.37 23.16
C MET A 266 3.93 24.36 22.95
N ALA A 267 4.54 23.17 22.99
CA ALA A 267 5.98 23.08 22.77
C ALA A 267 6.36 23.56 21.38
N LYS A 268 5.59 23.17 20.37
CA LYS A 268 5.91 23.58 19.00
C LYS A 268 5.84 25.09 18.85
N GLY A 269 4.78 25.69 19.40
CA GLY A 269 4.65 27.15 19.31
C GLY A 269 5.80 27.86 19.99
N LEU A 270 6.14 27.45 21.21
CA LEU A 270 7.22 28.10 21.93
C LEU A 270 8.55 27.96 21.21
N GLY A 271 8.80 26.77 20.64
CA GLY A 271 10.05 26.57 19.92
C GLY A 271 10.16 27.44 18.69
N LEU A 272 9.11 27.51 17.88
CA LEU A 272 9.17 28.35 16.69
C LEU A 272 9.35 29.81 17.08
N GLY A 273 8.65 30.26 18.11
CA GLY A 273 8.79 31.63 18.55
C GLY A 273 10.21 31.96 18.98
N CYS A 274 10.80 31.08 19.80
CA CYS A 274 12.16 31.37 20.28
C CYS A 274 13.17 31.33 19.15
N THR A 275 12.96 30.44 18.17
CA THR A 275 13.86 30.42 17.01
C THR A 275 13.82 31.73 16.25
N TYR A 276 12.61 32.23 15.95
CA TYR A 276 12.51 33.49 15.24
C TYR A 276 13.09 34.64 16.04
N GLY A 277 12.90 34.60 17.37
CA GLY A 277 13.49 35.64 18.21
C GLY A 277 15.00 35.65 18.17
N ILE A 278 15.62 34.47 18.23
CA ILE A 278 17.08 34.41 18.15
C ILE A 278 17.56 34.90 16.79
N ALA A 279 16.84 34.55 15.73
CA ALA A 279 17.22 35.04 14.41
C ALA A 279 17.18 36.57 14.36
N CYS A 280 16.12 37.17 14.91
CA CYS A 280 16.03 38.63 14.92
C CYS A 280 17.16 39.24 15.74
N MET A 281 17.49 38.63 16.88
CA MET A 281 18.58 39.15 17.70
C MET A 281 19.91 39.13 16.94
N SER A 282 20.18 38.04 16.22
CA SER A 282 21.40 37.96 15.44
C SER A 282 21.42 39.00 14.32
N TRP A 283 20.27 39.23 13.69
CA TRP A 283 20.17 40.28 12.68
C TRP A 283 20.53 41.63 13.28
N ALA A 284 20.00 41.92 14.47
CA ALA A 284 20.32 43.18 15.13
C ALA A 284 21.82 43.29 15.40
N LEU A 285 22.42 42.20 15.88
CA LEU A 285 23.85 42.23 16.19
C LEU A 285 24.68 42.54 14.95
N VAL A 286 24.44 41.80 13.87
CA VAL A 286 25.25 41.99 12.67
C VAL A 286 25.05 43.38 12.10
N PHE A 287 23.81 43.88 12.07
CA PHE A 287 23.59 45.21 11.54
C PHE A 287 24.27 46.28 12.39
N TRP A 288 24.18 46.19 13.71
CA TRP A 288 24.82 47.20 14.55
C TRP A 288 26.32 47.19 14.35
N TYR A 289 26.94 46.00 14.32
CA TYR A 289 28.39 45.98 14.23
C TYR A 289 28.87 46.40 12.85
N ALA A 290 28.12 46.04 11.80
CA ALA A 290 28.44 46.55 10.47
C ALA A 290 28.34 48.07 10.42
N GLY A 291 27.30 48.63 11.05
CA GLY A 291 27.20 50.09 11.13
C GLY A 291 28.37 50.69 11.87
N VAL A 292 28.86 50.01 12.91
CA VAL A 292 30.07 50.47 13.59
C VAL A 292 31.23 50.54 12.61
N PHE A 293 31.36 49.53 11.75
CA PHE A 293 32.37 49.61 10.69
C PHE A 293 32.12 50.74 9.71
N ILE A 294 30.86 51.07 9.41
CA ILE A 294 30.57 51.97 8.30
C ILE A 294 31.24 53.33 8.49
N ARG A 295 31.05 53.94 9.66
CA ARG A 295 31.60 55.27 9.92
C ARG A 295 32.98 55.21 10.57
N ASN A 296 33.62 54.05 10.54
CA ASN A 296 34.99 53.90 10.99
C ASN A 296 36.00 54.09 9.86
N GLY A 297 35.54 54.46 8.67
CA GLY A 297 36.43 54.69 7.54
C GLY A 297 37.12 53.43 7.04
N GLN A 298 36.39 52.34 6.89
CA GLN A 298 36.99 51.08 6.46
C GLN A 298 36.26 50.46 5.28
N THR A 299 34.97 50.76 5.15
CA THR A 299 34.18 50.16 4.08
C THR A 299 32.95 51.03 3.80
N ASP A 300 32.34 50.79 2.66
CA ASP A 300 31.15 51.51 2.25
C ASP A 300 29.90 50.77 2.73
N GLY A 301 28.73 51.17 2.23
CA GLY A 301 27.49 50.56 2.66
C GLY A 301 27.01 49.41 1.80
N GLY A 302 26.87 49.65 0.50
CA GLY A 302 26.30 48.64 -0.37
C GLY A 302 27.15 47.38 -0.46
N LYS A 303 28.46 47.53 -0.52
CA LYS A 303 29.34 46.37 -0.56
C LYS A 303 29.19 45.56 0.73
N ALA A 304 29.01 46.23 1.86
CA ALA A 304 28.73 45.51 3.10
C ALA A 304 27.41 44.75 3.00
N PHE A 305 26.41 45.37 2.38
CA PHE A 305 25.10 44.73 2.22
C PHE A 305 25.22 43.44 1.43
N THR A 306 25.86 43.51 0.25
CA THR A 306 26.00 42.31 -0.55
C THR A 306 26.90 41.29 0.13
N ALA A 307 27.91 41.75 0.88
CA ALA A 307 28.74 40.82 1.65
C ALA A 307 27.89 40.01 2.62
N ILE A 308 27.05 40.71 3.40
CA ILE A 308 26.25 40.02 4.41
C ILE A 308 25.31 39.01 3.76
N PHE A 309 24.56 39.44 2.75
CA PHE A 309 23.59 38.50 2.17
C PHE A 309 24.27 37.36 1.42
N SER A 310 25.37 37.63 0.71
CA SER A 310 26.08 36.55 0.03
C SER A 310 26.61 35.54 1.03
N ALA A 311 27.18 36.02 2.14
CA ALA A 311 27.71 35.09 3.14
C ALA A 311 26.61 34.25 3.76
N ILE A 312 25.47 34.87 4.11
CA ILE A 312 24.39 34.11 4.73
C ILE A 312 23.82 33.07 3.76
N VAL A 313 23.60 33.47 2.50
CA VAL A 313 23.03 32.51 1.55
C VAL A 313 24.02 31.40 1.27
N GLY A 314 25.32 31.71 1.20
CA GLY A 314 26.30 30.66 1.02
C GLY A 314 26.34 29.69 2.18
N GLY A 315 26.29 30.21 3.40
CA GLY A 315 26.29 29.33 4.56
C GLY A 315 25.05 28.46 4.63
N MET A 316 23.90 29.02 4.27
CA MET A 316 22.64 28.29 4.36
C MET A 316 22.40 27.37 3.17
N SER A 317 23.15 27.53 2.07
CA SER A 317 22.93 26.68 0.90
C SER A 317 23.20 25.22 1.20
N LEU A 318 24.06 24.93 2.19
CA LEU A 318 24.34 23.55 2.53
C LEU A 318 23.13 22.82 3.12
N GLY A 319 22.14 23.57 3.60
CA GLY A 319 21.01 22.93 4.26
C GLY A 319 20.21 22.03 3.32
N GLN A 320 19.91 22.53 2.13
CA GLN A 320 19.18 21.73 1.14
C GLN A 320 20.09 20.85 0.31
N SER A 321 21.40 20.94 0.51
CA SER A 321 22.35 20.25 -0.34
C SER A 321 22.53 18.78 0.07
N PHE A 322 23.01 18.57 1.29
CA PHE A 322 23.35 17.21 1.73
C PHE A 322 22.13 16.32 1.89
N SER A 323 20.92 16.88 1.89
CA SER A 323 19.72 16.06 2.01
C SER A 323 19.56 15.08 0.87
N ASN A 324 20.23 15.33 -0.26
CA ASN A 324 20.21 14.40 -1.38
C ASN A 324 20.95 13.10 -1.07
N LEU A 325 21.76 13.08 -0.01
CA LEU A 325 22.57 11.90 0.29
C LEU A 325 21.73 10.70 0.71
N GLY A 326 20.56 10.92 1.29
CA GLY A 326 19.79 9.82 1.86
C GLY A 326 19.48 8.73 0.86
N ALA A 327 19.06 9.11 -0.34
CA ALA A 327 18.80 8.13 -1.38
C ALA A 327 20.07 7.49 -1.94
N PHE A 328 21.19 8.22 -1.94
CA PHE A 328 22.41 7.74 -2.58
C PHE A 328 22.81 6.38 -2.03
N SER A 329 22.90 6.25 -0.70
CA SER A 329 23.25 4.98 -0.10
C SER A 329 22.27 3.90 -0.53
N LYS A 330 20.98 4.22 -0.52
CA LYS A 330 19.99 3.26 -1.01
C LYS A 330 20.29 2.83 -2.44
N GLY A 331 20.70 3.78 -3.28
CA GLY A 331 21.09 3.44 -4.63
C GLY A 331 22.21 2.41 -4.66
N LYS A 332 23.20 2.57 -3.79
CA LYS A 332 24.24 1.56 -3.68
C LYS A 332 23.65 0.21 -3.26
N ALA A 333 22.74 0.23 -2.29
CA ALA A 333 22.04 -1.00 -1.93
C ALA A 333 21.25 -1.53 -3.11
N ALA A 334 20.73 -0.62 -3.94
CA ALA A 334 20.07 -1.02 -5.18
C ALA A 334 21.07 -1.55 -6.19
N GLY A 335 22.29 -1.03 -6.17
CA GLY A 335 23.29 -1.46 -7.13
C GLY A 335 23.60 -2.94 -7.02
N TYR A 336 23.82 -3.42 -5.80
CA TYR A 336 23.93 -4.85 -5.57
C TYR A 336 22.54 -5.45 -5.49
N LYS A 337 22.46 -6.78 -5.56
CA LYS A 337 21.22 -7.55 -5.62
C LYS A 337 20.61 -7.38 -7.01
N LEU A 338 21.18 -6.47 -7.79
CA LEU A 338 20.92 -6.34 -9.22
C LEU A 338 22.25 -6.39 -9.95
N MET A 339 22.21 -6.82 -11.21
CA MET A 339 23.39 -7.00 -12.05
C MET A 339 24.22 -8.18 -11.53
N GLU A 340 23.83 -8.72 -10.37
CA GLU A 340 24.49 -9.92 -9.86
C GLU A 340 24.10 -11.14 -10.68
N ILE A 341 22.86 -11.18 -11.15
CA ILE A 341 22.42 -12.27 -12.02
C ILE A 341 23.09 -12.18 -13.39
N ILE A 342 23.66 -11.02 -13.72
CA ILE A 342 24.23 -10.82 -15.06
C ILE A 342 25.40 -11.76 -15.28
N ASN A 343 26.29 -11.88 -14.30
CA ASN A 343 27.52 -12.66 -14.45
C ASN A 343 27.39 -14.05 -13.84
N GLN A 344 26.22 -14.67 -13.94
CA GLN A 344 26.00 -16.03 -13.46
C GLN A 344 26.04 -16.99 -14.64
N ARG A 345 26.91 -17.99 -14.55
CA ARG A 345 27.08 -18.95 -15.63
C ARG A 345 26.11 -20.12 -15.45
N PRO A 346 25.29 -20.43 -16.44
CA PRO A 346 24.37 -21.56 -16.35
C PRO A 346 25.11 -22.88 -16.54
N THR A 347 24.34 -23.97 -16.57
CA THR A 347 24.94 -25.29 -16.70
C THR A 347 25.30 -25.60 -18.14
N ILE A 348 24.33 -25.54 -19.05
CA ILE A 348 24.52 -25.91 -20.44
C ILE A 348 23.99 -24.81 -21.35
N ILE A 349 24.43 -24.84 -22.60
CA ILE A 349 24.04 -23.83 -23.59
C ILE A 349 24.32 -24.40 -24.96
N GLN A 350 23.65 -23.86 -25.99
CA GLN A 350 23.84 -24.30 -27.36
C GLN A 350 25.17 -23.79 -27.90
N ASP A 351 26.23 -24.56 -27.73
CA ASP A 351 27.54 -24.17 -28.25
C ASP A 351 27.51 -24.22 -29.78
N PRO A 352 27.91 -23.15 -30.46
CA PRO A 352 27.88 -23.16 -31.94
C PRO A 352 28.74 -24.24 -32.56
N LEU A 353 29.86 -24.61 -31.93
CA LEU A 353 30.78 -25.60 -32.47
C LEU A 353 30.52 -27.00 -31.93
N ASP A 354 29.26 -27.33 -31.63
CA ASP A 354 28.95 -28.67 -31.16
C ASP A 354 29.23 -29.71 -32.24
N GLY A 355 28.92 -29.39 -33.49
CA GLY A 355 29.15 -30.30 -34.59
C GLY A 355 28.35 -31.58 -34.54
N LYS A 356 27.08 -31.49 -34.17
CA LYS A 356 26.20 -32.66 -34.06
C LYS A 356 24.97 -32.44 -34.92
N CYS A 357 24.61 -33.47 -35.69
CA CYS A 357 23.43 -33.40 -36.57
C CYS A 357 22.98 -34.82 -36.86
N LEU A 358 21.76 -35.15 -36.44
CA LEU A 358 21.22 -36.49 -36.61
C LEU A 358 19.88 -36.43 -37.32
N ASP A 359 19.56 -37.50 -38.03
CA ASP A 359 18.30 -37.63 -38.75
C ASP A 359 17.66 -38.96 -38.38
N GLN A 360 16.46 -39.21 -38.94
CA GLN A 360 15.70 -40.43 -38.69
C GLN A 360 15.47 -40.64 -37.19
N VAL A 361 14.86 -39.64 -36.58
CA VAL A 361 14.56 -39.72 -35.15
C VAL A 361 13.43 -40.71 -34.92
N HIS A 362 13.63 -41.62 -33.96
CA HIS A 362 12.63 -42.62 -33.61
C HIS A 362 12.02 -42.41 -32.24
N GLY A 363 12.77 -41.91 -31.28
CA GLY A 363 12.24 -41.64 -29.95
C GLY A 363 12.49 -42.75 -28.95
N ASN A 364 13.73 -43.23 -28.88
CA ASN A 364 14.13 -44.23 -27.90
C ASN A 364 14.89 -43.54 -26.77
N ILE A 365 14.53 -43.86 -25.54
CA ILE A 365 15.06 -43.18 -24.36
C ILE A 365 15.80 -44.21 -23.52
N GLU A 366 17.03 -43.89 -23.13
CA GLU A 366 17.87 -44.79 -22.33
C GLU A 366 18.43 -44.02 -21.15
N PHE A 367 17.81 -44.19 -19.99
CA PHE A 367 18.35 -43.68 -18.73
C PHE A 367 19.20 -44.78 -18.11
N LYS A 368 20.33 -44.40 -17.50
CA LYS A 368 21.22 -45.37 -16.89
C LYS A 368 21.52 -44.96 -15.44
N ASP A 369 20.94 -45.70 -14.49
CA ASP A 369 21.24 -45.57 -13.06
C ASP A 369 21.10 -44.12 -12.61
N VAL A 370 19.88 -43.61 -12.70
CA VAL A 370 19.61 -42.20 -12.43
C VAL A 370 19.27 -42.04 -10.95
N THR A 371 20.17 -41.41 -10.20
CA THR A 371 19.92 -41.01 -8.82
C THR A 371 20.18 -39.52 -8.73
N PHE A 372 19.15 -38.77 -8.32
CA PHE A 372 19.22 -37.31 -8.32
C PHE A 372 18.79 -36.77 -6.97
N SER A 373 19.37 -35.63 -6.60
CA SER A 373 19.00 -34.91 -5.39
C SER A 373 18.80 -33.44 -5.74
N TYR A 374 17.89 -32.81 -5.02
CA TYR A 374 17.58 -31.41 -5.28
C TYR A 374 18.74 -30.52 -4.84
N PRO A 375 19.33 -29.73 -5.74
CA PRO A 375 20.45 -28.86 -5.32
C PRO A 375 20.07 -27.82 -4.28
N SER A 376 18.80 -27.42 -4.25
CA SER A 376 18.37 -26.41 -3.28
C SER A 376 18.55 -26.90 -1.85
N ARG A 377 18.20 -28.16 -1.59
CA ARG A 377 18.32 -28.72 -0.26
C ARG A 377 18.34 -30.25 -0.34
N PRO A 378 19.29 -30.91 0.32
CA PRO A 378 19.23 -32.37 0.41
C PRO A 378 17.96 -32.83 1.09
N ASP A 379 17.39 -33.92 0.58
CA ASP A 379 16.10 -34.42 1.05
C ASP A 379 16.02 -35.90 0.70
N VAL A 380 14.81 -36.45 0.78
CA VAL A 380 14.59 -37.85 0.40
C VAL A 380 15.03 -38.04 -1.05
N MET A 381 15.67 -39.18 -1.33
CA MET A 381 16.21 -39.44 -2.65
C MET A 381 15.11 -39.43 -3.70
N ILE A 382 15.34 -38.69 -4.78
CA ILE A 382 14.35 -38.61 -5.85
C ILE A 382 14.25 -39.94 -6.59
N PHE A 383 15.39 -40.55 -6.91
CA PHE A 383 15.40 -41.83 -7.61
C PHE A 383 16.64 -42.60 -7.18
N ARG A 384 16.57 -43.92 -7.37
CA ARG A 384 17.67 -44.82 -7.03
C ARG A 384 17.78 -45.89 -8.09
N ASN A 385 18.89 -45.88 -8.84
CA ASN A 385 19.17 -46.87 -9.86
C ASN A 385 18.02 -47.00 -10.86
N PHE A 386 17.50 -45.85 -11.29
CA PHE A 386 16.35 -45.81 -12.19
C PHE A 386 16.86 -45.96 -13.61
N ASN A 387 16.62 -47.14 -14.19
CA ASN A 387 17.27 -47.58 -15.44
C ASN A 387 16.23 -48.17 -16.39
N ILE A 388 15.15 -47.44 -16.62
CA ILE A 388 14.06 -47.93 -17.46
C ILE A 388 14.37 -47.61 -18.92
N PHE A 389 13.70 -48.31 -19.82
CA PHE A 389 13.77 -48.07 -21.25
C PHE A 389 12.39 -47.70 -21.78
N PHE A 390 12.36 -46.82 -22.78
CA PHE A 390 11.10 -46.39 -23.39
C PHE A 390 11.07 -46.78 -24.86
N PRO A 391 10.32 -47.82 -25.24
CA PRO A 391 10.21 -48.18 -26.65
C PRO A 391 9.53 -47.08 -27.45
N SER A 392 9.93 -46.97 -28.72
CA SER A 392 9.39 -45.93 -29.59
C SER A 392 7.96 -46.23 -29.99
N GLY A 393 7.14 -45.19 -30.06
CA GLY A 393 5.79 -45.32 -30.57
C GLY A 393 4.83 -46.07 -29.66
N LYS A 394 5.12 -46.11 -28.36
CA LYS A 394 4.28 -46.83 -27.40
C LYS A 394 3.65 -45.85 -26.42
N THR A 395 2.72 -46.39 -25.63
CA THR A 395 2.00 -45.62 -24.62
C THR A 395 2.62 -45.75 -23.24
N VAL A 396 3.95 -45.87 -23.17
CA VAL A 396 4.62 -46.09 -21.90
C VAL A 396 4.38 -44.90 -20.97
N ALA A 397 4.15 -45.20 -19.70
CA ALA A 397 3.96 -44.17 -18.68
C ALA A 397 4.42 -44.72 -17.35
N VAL A 398 4.69 -43.81 -16.41
CA VAL A 398 5.15 -44.17 -15.08
C VAL A 398 4.31 -43.45 -14.04
N VAL A 399 4.23 -44.03 -12.85
CA VAL A 399 3.50 -43.44 -11.73
C VAL A 399 4.32 -43.64 -10.47
N GLY A 400 4.34 -42.62 -9.61
CA GLY A 400 5.05 -42.70 -8.35
C GLY A 400 4.24 -43.43 -7.29
N GLY A 401 4.86 -43.57 -6.12
CA GLY A 401 4.18 -44.23 -5.01
C GLY A 401 2.98 -43.46 -4.51
N SER A 402 3.13 -42.13 -4.35
CA SER A 402 2.04 -41.27 -3.91
C SER A 402 2.00 -39.98 -4.72
N GLY A 403 2.33 -40.06 -6.01
CA GLY A 403 2.41 -38.87 -6.84
C GLY A 403 3.73 -38.16 -6.66
N SER A 404 3.89 -37.45 -5.55
CA SER A 404 5.15 -36.81 -5.16
C SER A 404 5.68 -35.85 -6.21
N GLY A 405 4.84 -35.43 -7.15
CA GLY A 405 5.27 -34.52 -8.20
C GLY A 405 6.37 -35.09 -9.07
N LYS A 406 6.22 -36.33 -9.52
CA LYS A 406 7.22 -37.00 -10.35
C LYS A 406 7.21 -36.51 -11.80
N SER A 407 6.47 -35.44 -12.10
CA SER A 407 6.46 -34.90 -13.46
C SER A 407 7.85 -34.50 -13.94
N THR A 408 8.78 -34.25 -13.02
CA THR A 408 10.17 -33.98 -13.37
C THR A 408 10.79 -35.10 -14.19
N VAL A 409 10.13 -36.25 -14.31
CA VAL A 409 10.64 -37.30 -15.19
C VAL A 409 10.71 -36.81 -16.63
N VAL A 410 9.78 -35.93 -17.03
CA VAL A 410 9.90 -35.31 -18.35
C VAL A 410 10.79 -34.08 -18.32
N SER A 411 11.07 -33.54 -17.13
CA SER A 411 11.98 -32.41 -17.03
C SER A 411 13.36 -32.78 -17.53
N LEU A 412 13.85 -33.97 -17.16
CA LEU A 412 15.12 -34.45 -17.69
C LEU A 412 15.07 -34.59 -19.20
N ILE A 413 13.88 -34.80 -19.76
CA ILE A 413 13.72 -34.78 -21.22
C ILE A 413 14.06 -33.40 -21.76
N GLU A 414 13.54 -32.36 -21.11
CA GLU A 414 13.89 -30.99 -21.47
C GLU A 414 15.23 -30.57 -20.89
N ARG A 415 15.78 -31.36 -19.97
CA ARG A 415 17.08 -31.10 -19.35
C ARG A 415 17.09 -29.79 -18.56
N PHE A 416 16.17 -29.71 -17.59
CA PHE A 416 16.28 -28.64 -16.59
C PHE A 416 17.40 -28.94 -15.60
N TYR A 417 17.53 -30.20 -15.17
CA TYR A 417 18.51 -30.60 -14.18
C TYR A 417 19.41 -31.67 -14.78
N ASP A 418 20.72 -31.48 -14.66
CA ASP A 418 21.66 -32.45 -15.20
C ASP A 418 21.62 -33.73 -14.37
N PRO A 419 21.66 -34.90 -14.99
CA PRO A 419 21.72 -36.16 -14.22
C PRO A 419 23.08 -36.32 -13.57
N ASN A 420 23.08 -36.45 -12.24
CA ASN A 420 24.34 -36.58 -11.52
C ASN A 420 24.94 -37.97 -11.70
N SER A 421 24.12 -39.01 -11.68
CA SER A 421 24.58 -40.39 -11.74
C SER A 421 24.22 -41.00 -13.08
N GLY A 422 25.15 -41.75 -13.66
CA GLY A 422 24.89 -42.43 -14.92
C GLY A 422 24.86 -41.49 -16.10
N GLN A 423 24.17 -41.93 -17.15
CA GLN A 423 24.08 -41.17 -18.39
C GLN A 423 22.73 -41.38 -19.06
N ILE A 424 22.37 -40.42 -19.91
CA ILE A 424 21.10 -40.40 -20.61
C ILE A 424 21.37 -40.36 -22.10
N LEU A 425 20.66 -41.19 -22.86
CA LEU A 425 20.80 -41.25 -24.31
C LEU A 425 19.43 -41.21 -24.97
N LEU A 426 19.38 -40.59 -26.15
CA LEU A 426 18.20 -40.59 -26.98
C LEU A 426 18.47 -41.42 -28.23
N ASP A 427 17.61 -42.40 -28.48
CA ASP A 427 17.76 -43.31 -29.62
C ASP A 427 19.15 -43.94 -29.64
N GLY A 428 19.67 -44.25 -28.45
CA GLY A 428 21.00 -44.79 -28.32
C GLY A 428 22.12 -43.78 -28.50
N VAL A 429 21.81 -42.49 -28.53
CA VAL A 429 22.79 -41.43 -28.74
C VAL A 429 22.77 -40.51 -27.54
N GLU A 430 23.95 -40.21 -26.99
CA GLU A 430 24.05 -39.39 -25.79
C GLU A 430 23.46 -38.00 -26.05
N ILE A 431 22.70 -37.51 -25.06
CA ILE A 431 21.99 -36.24 -25.21
C ILE A 431 22.82 -35.04 -24.81
N LYS A 432 24.06 -35.24 -24.37
CA LYS A 432 24.88 -34.13 -23.90
C LYS A 432 25.68 -33.48 -25.03
N THR A 433 26.36 -34.30 -25.84
CA THR A 433 27.22 -33.74 -26.88
C THR A 433 26.41 -33.03 -27.96
N LEU A 434 25.14 -33.40 -28.15
CA LEU A 434 24.30 -32.73 -29.13
C LEU A 434 23.91 -31.34 -28.64
N GLN A 435 23.56 -30.48 -29.59
CA GLN A 435 23.13 -29.14 -29.26
C GLN A 435 21.81 -29.17 -28.49
N LEU A 436 21.65 -28.22 -27.58
CA LEU A 436 20.46 -28.18 -26.73
C LEU A 436 19.20 -27.95 -27.55
N LYS A 437 19.30 -27.10 -28.58
CA LYS A 437 18.15 -26.83 -29.44
C LYS A 437 17.72 -28.06 -30.22
N PHE A 438 18.60 -29.04 -30.39
CA PHE A 438 18.25 -30.24 -31.13
C PHE A 438 17.10 -30.99 -30.46
N LEU A 439 17.21 -31.23 -29.16
CA LEU A 439 16.17 -31.93 -28.44
C LEU A 439 14.94 -31.06 -28.20
N ARG A 440 15.08 -29.74 -28.36
CA ARG A 440 13.94 -28.85 -28.22
C ARG A 440 12.86 -29.17 -29.26
N GLU A 441 13.27 -29.45 -30.49
CA GLU A 441 12.35 -29.74 -31.58
C GLU A 441 12.01 -31.22 -31.71
N GLN A 442 12.48 -32.05 -30.78
CA GLN A 442 11.89 -33.37 -30.54
C GLN A 442 10.96 -33.40 -29.34
N ILE A 443 10.62 -32.24 -28.78
CA ILE A 443 9.85 -32.17 -27.53
C ILE A 443 8.55 -31.42 -27.80
N GLY A 444 7.43 -32.06 -27.48
CA GLY A 444 6.16 -31.37 -27.39
C GLY A 444 5.62 -31.46 -25.98
N LEU A 445 5.59 -30.34 -25.26
CA LEU A 445 5.29 -30.35 -23.83
C LEU A 445 4.13 -29.40 -23.53
N VAL A 446 3.28 -29.81 -22.60
CA VAL A 446 2.17 -28.99 -22.12
C VAL A 446 2.23 -28.95 -20.60
N ASN A 447 1.94 -27.78 -20.02
CA ASN A 447 1.96 -27.59 -18.58
C ASN A 447 0.54 -27.60 -18.04
N GLN A 448 0.45 -27.87 -16.73
CA GLN A 448 -0.86 -27.93 -16.09
C GLN A 448 -1.55 -26.58 -16.10
N GLU A 449 -0.82 -25.52 -15.82
CA GLU A 449 -1.37 -24.18 -15.82
C GLU A 449 -1.79 -23.80 -17.23
N PRO A 450 -3.09 -23.73 -17.53
CA PRO A 450 -3.51 -23.56 -18.93
C PRO A 450 -3.39 -22.13 -19.42
N ALA A 451 -3.53 -21.17 -18.50
CA ALA A 451 -3.43 -19.76 -18.89
C ALA A 451 -2.01 -19.44 -19.35
N LEU A 452 -1.92 -18.45 -20.24
CA LEU A 452 -0.65 -18.06 -20.82
C LEU A 452 -0.59 -16.53 -20.88
N PHE A 453 0.51 -16.01 -21.41
CA PHE A 453 0.78 -14.59 -21.34
C PHE A 453 -0.23 -13.78 -22.12
N ALA A 454 -0.52 -12.57 -21.63
CA ALA A 454 -1.56 -11.71 -22.20
C ALA A 454 -1.14 -11.26 -23.59
N THR A 455 -1.74 -11.85 -24.61
CA THR A 455 -1.46 -11.51 -26.00
C THR A 455 -2.61 -12.04 -26.84
N THR A 456 -2.80 -11.42 -28.01
CA THR A 456 -3.88 -11.82 -28.91
C THR A 456 -3.73 -13.28 -29.30
N ILE A 457 -4.88 -13.96 -29.46
CA ILE A 457 -4.89 -15.42 -29.60
C ILE A 457 -4.11 -15.85 -30.83
N LEU A 458 -4.18 -15.09 -31.92
CA LEU A 458 -3.47 -15.47 -33.13
C LEU A 458 -1.96 -15.49 -32.91
N GLU A 459 -1.43 -14.46 -32.24
CA GLU A 459 -0.01 -14.45 -31.92
C GLU A 459 0.36 -15.61 -31.01
N ASN A 460 -0.49 -15.92 -30.03
CA ASN A 460 -0.23 -17.05 -29.15
C ASN A 460 -0.19 -18.36 -29.91
N ILE A 461 -1.06 -18.53 -30.91
CA ILE A 461 -1.00 -19.70 -31.77
C ILE A 461 0.29 -19.70 -32.56
N LEU A 462 0.75 -18.53 -33.00
CA LEU A 462 1.94 -18.45 -33.84
C LEU A 462 3.19 -18.99 -33.17
N TYR A 463 3.21 -19.08 -31.83
CA TYR A 463 4.40 -19.58 -31.15
C TYR A 463 4.72 -21.02 -31.49
N GLY A 464 3.75 -21.78 -31.99
CA GLY A 464 4.03 -23.14 -32.42
C GLY A 464 5.02 -23.19 -33.57
N LYS A 465 4.91 -22.26 -34.50
CA LYS A 465 5.81 -22.17 -35.65
C LYS A 465 5.74 -20.76 -36.22
N PRO A 466 6.89 -20.09 -36.41
CA PRO A 466 6.87 -18.65 -36.74
C PRO A 466 6.12 -18.32 -38.01
N ASP A 467 6.52 -18.90 -39.15
CA ASP A 467 5.88 -18.61 -40.43
C ASP A 467 4.74 -19.60 -40.67
N ALA A 468 3.64 -19.35 -39.99
CA ALA A 468 2.44 -20.15 -40.10
C ALA A 468 1.32 -19.34 -40.74
N THR A 469 0.55 -19.98 -41.60
CA THR A 469 -0.53 -19.32 -42.33
C THR A 469 -1.87 -19.58 -41.67
N MET A 470 -2.90 -18.88 -42.17
CA MET A 470 -4.25 -19.05 -41.64
C MET A 470 -4.76 -20.47 -41.86
N VAL A 471 -4.38 -21.09 -42.98
CA VAL A 471 -4.80 -22.47 -43.26
C VAL A 471 -4.26 -23.41 -42.18
N GLU A 472 -2.99 -23.26 -41.83
CA GLU A 472 -2.41 -24.09 -40.77
C GLU A 472 -3.10 -23.85 -39.44
N VAL A 473 -3.41 -22.59 -39.13
CA VAL A 473 -4.05 -22.27 -37.86
C VAL A 473 -5.43 -22.91 -37.78
N GLU A 474 -6.22 -22.80 -38.86
CA GLU A 474 -7.55 -23.39 -38.86
C GLU A 474 -7.48 -24.91 -38.85
N ALA A 475 -6.49 -25.50 -39.52
CA ALA A 475 -6.32 -26.94 -39.44
C ALA A 475 -6.01 -27.40 -38.02
N ALA A 476 -5.14 -26.66 -37.33
CA ALA A 476 -4.84 -26.98 -35.94
C ALA A 476 -6.07 -26.82 -35.05
N ALA A 477 -6.84 -25.76 -35.29
CA ALA A 477 -8.06 -25.55 -34.50
C ALA A 477 -9.06 -26.68 -34.72
N SER A 478 -9.21 -27.13 -35.97
CA SER A 478 -10.07 -28.27 -36.25
C SER A 478 -9.56 -29.53 -35.57
N ALA A 479 -8.24 -29.73 -35.58
CA ALA A 479 -7.66 -30.86 -34.86
C ALA A 479 -7.91 -30.74 -33.36
N ALA A 480 -7.82 -29.51 -32.83
CA ALA A 480 -8.06 -29.25 -31.42
C ALA A 480 -9.52 -28.93 -31.13
N ASN A 481 -10.40 -29.07 -32.12
CA ASN A 481 -11.83 -28.77 -31.96
C ASN A 481 -12.05 -27.34 -31.50
N ALA A 482 -11.26 -26.41 -32.05
CA ALA A 482 -11.38 -25.00 -31.73
C ALA A 482 -11.96 -24.17 -32.87
N HIS A 483 -12.11 -24.75 -34.05
CA HIS A 483 -12.67 -24.01 -35.19
C HIS A 483 -14.13 -23.67 -34.94
N SER A 484 -14.51 -22.44 -35.25
CA SER A 484 -15.88 -21.94 -35.09
C SER A 484 -16.38 -22.03 -33.65
N PHE A 485 -15.46 -22.16 -32.70
CA PHE A 485 -15.82 -22.25 -31.28
C PHE A 485 -15.54 -20.94 -30.55
N ILE A 486 -14.31 -20.42 -30.64
CA ILE A 486 -13.99 -19.13 -30.04
C ILE A 486 -14.56 -18.00 -30.88
N THR A 487 -15.01 -18.30 -32.11
CA THR A 487 -15.54 -17.26 -32.99
C THR A 487 -16.81 -16.61 -32.44
N LEU A 488 -17.47 -17.24 -31.46
CA LEU A 488 -18.68 -16.68 -30.87
C LEU A 488 -18.33 -15.59 -29.84
N LEU A 489 -17.66 -14.56 -30.35
CA LEU A 489 -17.25 -13.41 -29.55
C LEU A 489 -17.42 -12.15 -30.38
N PRO A 490 -17.66 -11.01 -29.72
CA PRO A 490 -17.78 -9.74 -30.47
C PRO A 490 -16.53 -9.40 -31.26
N LYS A 491 -15.35 -9.71 -30.73
CA LYS A 491 -14.11 -9.45 -31.46
C LYS A 491 -13.97 -10.40 -32.63
N GLY A 492 -13.39 -9.90 -33.72
CA GLY A 492 -13.18 -10.71 -34.91
C GLY A 492 -12.02 -11.67 -34.76
N TYR A 493 -12.11 -12.58 -33.79
CA TYR A 493 -11.08 -13.58 -33.52
C TYR A 493 -9.73 -12.92 -33.25
N ASP A 494 -9.75 -11.78 -32.55
CA ASP A 494 -8.54 -11.06 -32.19
C ASP A 494 -8.46 -10.81 -30.69
N THR A 495 -9.17 -11.60 -29.89
CA THR A 495 -9.15 -11.42 -28.44
C THR A 495 -7.80 -11.85 -27.87
N GLN A 496 -7.52 -11.35 -26.67
CA GLN A 496 -6.27 -11.66 -25.97
C GLN A 496 -6.55 -12.67 -24.86
N VAL A 497 -5.59 -13.57 -24.65
CA VAL A 497 -5.73 -14.57 -23.59
C VAL A 497 -5.79 -13.89 -22.23
N GLY A 498 -4.94 -12.90 -22.01
CA GLY A 498 -4.93 -12.17 -20.75
C GLY A 498 -6.04 -11.16 -20.58
N GLU A 499 -6.87 -10.98 -21.60
CA GLU A 499 -8.02 -10.08 -21.47
C GLU A 499 -8.97 -10.60 -20.40
N ARG A 500 -9.45 -9.70 -19.55
CA ARG A 500 -10.30 -10.10 -18.43
C ARG A 500 -11.65 -10.64 -18.89
N GLY A 501 -12.08 -10.33 -20.12
CA GLY A 501 -13.34 -10.84 -20.61
C GLY A 501 -13.32 -12.30 -20.97
N VAL A 502 -12.14 -12.86 -21.23
CA VAL A 502 -12.00 -14.26 -21.60
C VAL A 502 -11.16 -14.92 -20.51
N GLN A 503 -11.31 -14.43 -19.27
CA GLN A 503 -10.54 -14.94 -18.16
C GLN A 503 -10.90 -16.38 -17.79
N LEU A 504 -12.01 -16.91 -18.31
CA LEU A 504 -12.42 -18.27 -17.99
C LEU A 504 -11.37 -19.27 -18.45
N SER A 505 -11.05 -20.22 -17.59
CA SER A 505 -10.04 -21.23 -17.86
C SER A 505 -10.72 -22.51 -18.34
N GLY A 506 -10.50 -22.86 -19.60
CA GLY A 506 -11.05 -24.07 -20.16
C GLY A 506 -12.47 -23.98 -20.65
N GLY A 507 -13.14 -22.85 -20.48
CA GLY A 507 -14.50 -22.68 -20.96
C GLY A 507 -14.55 -22.60 -22.47
N GLN A 508 -13.90 -21.58 -23.03
CA GLN A 508 -13.82 -21.42 -24.48
C GLN A 508 -12.40 -21.55 -25.02
N LYS A 509 -11.39 -21.22 -24.21
CA LYS A 509 -10.00 -21.29 -24.69
C LYS A 509 -9.60 -22.73 -24.99
N GLN A 510 -10.00 -23.67 -24.13
CA GLN A 510 -9.78 -25.11 -24.35
C GLN A 510 -8.30 -25.45 -24.55
N ARG A 511 -7.40 -24.75 -23.84
CA ARG A 511 -5.98 -25.07 -23.81
C ARG A 511 -5.38 -25.04 -25.22
N ILE A 512 -5.34 -23.83 -25.78
CA ILE A 512 -4.86 -23.57 -27.13
C ILE A 512 -3.49 -24.22 -27.35
N ALA A 513 -2.75 -24.42 -26.26
CA ALA A 513 -1.39 -24.94 -26.36
C ALA A 513 -1.32 -26.23 -27.17
N ILE A 514 -2.24 -27.17 -26.91
CA ILE A 514 -2.22 -28.43 -27.66
C ILE A 514 -2.29 -28.14 -29.16
N ALA A 515 -3.17 -27.22 -29.57
CA ALA A 515 -3.25 -26.83 -30.97
C ALA A 515 -1.91 -26.32 -31.48
N ARG A 516 -1.25 -25.43 -30.73
CA ARG A 516 0.04 -24.95 -31.21
C ARG A 516 1.06 -26.08 -31.18
N ALA A 517 0.90 -27.05 -30.28
CA ALA A 517 1.72 -28.24 -30.35
C ALA A 517 1.51 -28.95 -31.69
N MET A 518 0.25 -29.08 -32.11
CA MET A 518 -0.03 -29.61 -33.43
C MET A 518 0.61 -28.75 -34.51
N LEU A 519 0.74 -27.45 -34.27
CA LEU A 519 1.43 -26.59 -35.21
C LEU A 519 2.92 -26.89 -35.24
N LYS A 520 3.50 -27.19 -34.08
CA LYS A 520 4.92 -27.50 -34.04
C LYS A 520 5.23 -28.82 -34.71
N ASP A 521 4.35 -29.81 -34.52
CA ASP A 521 4.52 -31.16 -35.05
C ASP A 521 5.88 -31.73 -34.66
N PRO A 522 6.16 -31.90 -33.37
CA PRO A 522 7.46 -32.45 -32.97
C PRO A 522 7.51 -33.95 -33.20
N LYS A 523 8.73 -34.48 -33.17
CA LYS A 523 8.89 -35.92 -33.30
C LYS A 523 8.26 -36.65 -32.12
N ILE A 524 8.44 -36.12 -30.91
CA ILE A 524 7.88 -36.71 -29.69
C ILE A 524 7.15 -35.61 -28.93
N LEU A 525 5.95 -35.92 -28.45
CA LEU A 525 5.16 -35.00 -27.65
C LEU A 525 4.85 -35.63 -26.30
N LEU A 526 4.82 -34.79 -25.26
CA LEU A 526 4.63 -35.24 -23.89
C LEU A 526 3.40 -34.58 -23.30
N LEU A 527 2.81 -35.25 -22.29
CA LEU A 527 1.61 -34.75 -21.63
C LEU A 527 1.81 -34.65 -20.14
N ASP A 528 0.73 -34.39 -19.40
CA ASP A 528 0.78 -34.25 -17.95
C ASP A 528 -0.61 -34.55 -17.39
N GLU A 529 -0.83 -34.19 -16.13
CA GLU A 529 -2.07 -34.51 -15.42
C GLU A 529 -3.13 -33.43 -15.65
N ALA A 530 -3.37 -33.17 -16.94
CA ALA A 530 -4.31 -32.12 -17.35
C ALA A 530 -5.76 -32.46 -17.02
N THR A 531 -6.05 -33.71 -16.63
CA THR A 531 -7.41 -34.12 -16.35
C THR A 531 -7.94 -33.62 -15.02
N SER A 532 -7.11 -32.97 -14.21
CA SER A 532 -7.54 -32.50 -12.89
C SER A 532 -8.60 -31.42 -12.98
N ALA A 533 -8.75 -30.77 -14.14
CA ALA A 533 -9.75 -29.71 -14.28
C ALA A 533 -11.15 -30.26 -14.08
N LEU A 534 -11.51 -31.32 -14.82
CA LEU A 534 -12.84 -31.92 -14.74
C LEU A 534 -12.79 -33.23 -15.53
N ASP A 535 -13.94 -33.91 -15.58
CA ASP A 535 -14.16 -35.09 -16.42
C ASP A 535 -15.46 -34.86 -17.18
N ALA A 536 -15.37 -34.22 -18.33
CA ALA A 536 -16.55 -33.80 -19.09
C ALA A 536 -16.22 -33.87 -20.58
N SER A 537 -17.05 -33.23 -21.39
CA SER A 537 -17.00 -33.41 -22.84
C SER A 537 -15.72 -32.83 -23.43
N SER A 538 -15.34 -31.62 -23.01
CA SER A 538 -14.24 -30.92 -23.69
C SER A 538 -12.92 -31.63 -23.49
N GLU A 539 -12.58 -31.96 -22.24
CA GLU A 539 -11.31 -32.63 -21.98
C GLU A 539 -11.30 -34.06 -22.49
N SER A 540 -12.45 -34.74 -22.49
CA SER A 540 -12.51 -36.06 -23.13
C SER A 540 -12.24 -35.94 -24.64
N ILE A 541 -12.81 -34.91 -25.27
CA ILE A 541 -12.60 -34.71 -26.69
C ILE A 541 -11.14 -34.44 -26.99
N VAL A 542 -10.50 -33.58 -26.20
CA VAL A 542 -9.07 -33.34 -26.41
C VAL A 542 -8.27 -34.59 -26.09
N GLN A 543 -8.80 -35.46 -25.22
CA GLN A 543 -8.12 -36.73 -24.94
C GLN A 543 -8.09 -37.62 -26.18
N GLU A 544 -9.25 -37.79 -26.85
CA GLU A 544 -9.17 -38.59 -28.07
C GLU A 544 -8.46 -37.86 -29.20
N ALA A 545 -8.42 -36.52 -29.16
CA ALA A 545 -7.59 -35.80 -30.12
C ALA A 545 -6.11 -36.11 -29.92
N LEU A 546 -5.68 -36.16 -28.66
CA LEU A 546 -4.31 -36.58 -28.35
C LEU A 546 -4.09 -38.03 -28.79
N ASP A 547 -5.08 -38.89 -28.57
CA ASP A 547 -4.99 -40.27 -29.02
C ASP A 547 -4.92 -40.37 -30.54
N ARG A 548 -5.43 -39.37 -31.26
CA ARG A 548 -5.33 -39.38 -32.71
C ARG A 548 -3.90 -39.11 -33.17
N VAL A 549 -3.16 -38.25 -32.45
CA VAL A 549 -1.81 -37.90 -32.81
C VAL A 549 -0.85 -38.83 -32.07
N MET A 550 -1.41 -39.85 -31.41
CA MET A 550 -0.58 -40.81 -30.68
C MET A 550 0.33 -41.60 -31.61
N VAL A 551 -0.01 -41.70 -32.90
CA VAL A 551 0.81 -42.45 -33.83
C VAL A 551 2.20 -41.81 -33.94
N GLY A 552 3.23 -42.66 -33.92
CA GLY A 552 4.59 -42.18 -33.97
C GLY A 552 5.02 -41.41 -32.74
N ARG A 553 4.34 -41.60 -31.62
CA ARG A 553 4.64 -40.88 -30.39
C ARG A 553 4.85 -41.87 -29.26
N THR A 554 5.95 -41.71 -28.52
CA THR A 554 6.16 -42.44 -27.27
C THR A 554 5.67 -41.60 -26.08
N THR A 555 4.42 -41.14 -26.22
CA THR A 555 3.85 -40.22 -25.25
C THR A 555 3.82 -40.83 -23.86
N VAL A 556 4.26 -40.05 -22.87
CA VAL A 556 4.30 -40.48 -21.48
C VAL A 556 3.44 -39.52 -20.67
N VAL A 557 2.51 -40.08 -19.89
CA VAL A 557 1.62 -39.29 -19.04
C VAL A 557 1.87 -39.70 -17.61
N VAL A 558 2.21 -38.72 -16.77
CA VAL A 558 2.46 -38.94 -15.35
C VAL A 558 1.44 -38.11 -14.57
N ALA A 559 0.75 -38.76 -13.64
CA ALA A 559 -0.33 -38.11 -12.91
C ALA A 559 -0.46 -38.73 -11.53
N HIS A 560 -0.79 -37.88 -10.54
CA HIS A 560 -1.12 -38.39 -9.22
C HIS A 560 -2.39 -39.25 -9.27
N ARG A 561 -3.39 -38.80 -10.05
CA ARG A 561 -4.60 -39.57 -10.25
C ARG A 561 -4.39 -40.58 -11.37
N LEU A 562 -4.85 -41.82 -11.14
CA LEU A 562 -4.62 -42.91 -12.08
C LEU A 562 -5.90 -43.53 -12.59
N CYS A 563 -7.01 -42.79 -12.52
CA CYS A 563 -8.30 -43.32 -12.99
C CYS A 563 -8.29 -43.54 -14.49
N THR A 564 -7.74 -42.60 -15.25
CA THR A 564 -7.77 -42.63 -16.71
C THR A 564 -6.46 -43.14 -17.31
N ILE A 565 -5.81 -44.10 -16.66
CA ILE A 565 -4.54 -44.64 -17.12
C ILE A 565 -4.71 -45.99 -17.80
N ARG A 566 -5.95 -46.39 -18.10
CA ARG A 566 -6.19 -47.70 -18.68
C ARG A 566 -5.55 -47.83 -20.06
N ASN A 567 -5.57 -46.76 -20.85
CA ASN A 567 -5.05 -46.81 -22.21
C ASN A 567 -3.55 -47.05 -22.27
N VAL A 568 -2.84 -46.86 -21.14
CA VAL A 568 -1.40 -47.07 -21.11
C VAL A 568 -1.12 -48.57 -21.07
N ASP A 569 -0.31 -49.04 -22.01
CA ASP A 569 0.05 -50.46 -22.11
C ASP A 569 1.38 -50.77 -21.45
N SER A 570 2.03 -49.79 -20.81
CA SER A 570 3.32 -50.02 -20.17
C SER A 570 3.42 -49.05 -18.99
N ILE A 571 3.22 -49.58 -17.78
CA ILE A 571 3.26 -48.79 -16.56
C ILE A 571 4.34 -49.36 -15.65
N ALA A 572 5.09 -48.47 -15.02
CA ALA A 572 6.17 -48.84 -14.10
C ALA A 572 5.73 -48.58 -12.67
N VAL A 573 5.97 -49.56 -11.80
CA VAL A 573 5.62 -49.47 -10.39
C VAL A 573 6.87 -49.09 -9.60
N ILE A 574 6.82 -47.96 -8.92
CA ILE A 574 7.96 -47.47 -8.13
C ILE A 574 7.42 -46.71 -6.94
N GLN A 575 7.87 -47.09 -5.75
CA GLN A 575 7.39 -46.48 -4.51
C GLN A 575 8.52 -45.95 -3.63
N GLN A 576 9.64 -46.66 -3.54
CA GLN A 576 10.74 -46.27 -2.67
C GLN A 576 11.74 -45.36 -3.39
N GLY A 577 11.56 -45.12 -4.68
CA GLY A 577 12.52 -44.39 -5.48
C GLY A 577 13.38 -45.25 -6.38
N GLN A 578 13.28 -46.57 -6.24
CA GLN A 578 13.99 -47.51 -7.10
C GLN A 578 12.98 -48.25 -7.96
N VAL A 579 13.28 -48.37 -9.26
CA VAL A 579 12.37 -49.05 -10.16
C VAL A 579 12.23 -50.51 -9.75
N VAL A 580 10.99 -50.99 -9.70
CA VAL A 580 10.68 -52.35 -9.24
C VAL A 580 10.28 -53.25 -10.40
N GLU A 581 9.21 -52.89 -11.12
CA GLU A 581 8.72 -53.73 -12.19
C GLU A 581 7.92 -52.88 -13.16
N THR A 582 7.66 -53.46 -14.34
CA THR A 582 6.84 -52.83 -15.36
C THR A 582 5.84 -53.86 -15.90
N GLY A 583 4.73 -53.35 -16.42
CA GLY A 583 3.72 -54.25 -16.97
C GLY A 583 2.46 -53.53 -17.35
N THR A 584 1.34 -54.24 -17.24
CA THR A 584 0.02 -53.71 -17.54
C THR A 584 -0.86 -53.79 -16.30
N HIS A 585 -1.76 -52.81 -16.16
CA HIS A 585 -2.61 -52.73 -14.98
C HIS A 585 -3.50 -53.96 -14.81
N GLU A 586 -3.79 -54.68 -15.89
CA GLU A 586 -4.65 -55.84 -15.80
C GLU A 586 -4.00 -56.94 -14.96
N GLU A 587 -2.71 -57.21 -15.19
CA GLU A 587 -1.99 -58.21 -14.42
C GLU A 587 -1.42 -57.66 -13.11
N LEU A 588 -1.44 -56.34 -12.93
CA LEU A 588 -0.96 -55.74 -11.68
C LEU A 588 -1.88 -56.05 -10.50
N ILE A 589 -3.11 -56.49 -10.77
CA ILE A 589 -4.05 -56.81 -9.69
C ILE A 589 -3.60 -58.01 -8.89
N ALA A 590 -2.76 -58.88 -9.46
CA ALA A 590 -2.27 -60.05 -8.73
C ALA A 590 -1.47 -59.60 -7.50
N LYS A 591 -1.78 -60.23 -6.36
CA LYS A 591 -1.22 -59.88 -5.06
C LYS A 591 -1.51 -58.44 -4.66
N SER A 592 -2.40 -57.77 -5.38
CA SER A 592 -2.81 -56.37 -5.17
C SER A 592 -1.69 -55.41 -5.56
N GLY A 593 -0.50 -55.94 -5.83
CA GLY A 593 0.62 -55.17 -6.33
C GLY A 593 0.92 -53.86 -5.61
N ALA A 594 0.39 -53.71 -4.40
CA ALA A 594 0.35 -52.41 -3.71
C ALA A 594 -0.27 -51.34 -4.60
N TYR A 595 -1.19 -51.77 -5.47
CA TYR A 595 -1.79 -50.90 -6.47
C TYR A 595 -3.29 -51.03 -6.49
N ALA A 596 -3.80 -52.20 -6.08
CA ALA A 596 -5.24 -52.42 -6.04
C ALA A 596 -5.92 -51.48 -5.06
N SER A 597 -5.29 -51.27 -3.90
CA SER A 597 -5.83 -50.30 -2.94
C SER A 597 -5.85 -48.90 -3.53
N LEU A 598 -4.83 -48.54 -4.30
CA LEU A 598 -4.77 -47.21 -4.90
C LEU A 598 -5.90 -46.98 -5.88
N ILE A 599 -6.10 -47.93 -6.81
CA ILE A 599 -7.17 -47.76 -7.79
C ILE A 599 -8.54 -47.83 -7.11
N ARG A 600 -8.68 -48.67 -6.08
CA ARG A 600 -9.94 -48.71 -5.34
C ARG A 600 -10.23 -47.37 -4.68
N PHE A 601 -9.23 -46.75 -4.05
CA PHE A 601 -9.44 -45.46 -3.41
C PHE A 601 -9.75 -44.38 -4.44
N GLN A 602 -9.06 -44.41 -5.58
CA GLN A 602 -9.32 -43.42 -6.63
C GLN A 602 -10.73 -43.57 -7.19
N GLU A 603 -11.21 -44.81 -7.34
CA GLU A 603 -12.57 -45.02 -7.79
C GLU A 603 -13.58 -44.56 -6.73
N MET A 604 -13.25 -44.76 -5.45
CA MET A 604 -14.11 -44.32 -4.37
C MET A 604 -13.99 -42.82 -4.08
N VAL A 605 -13.08 -42.13 -4.76
CA VAL A 605 -12.81 -40.69 -4.59
C VAL A 605 -12.92 -40.22 -3.15
N TYR A 672 -17.56 18.47 2.29
CA TYR A 672 -16.18 18.92 2.44
C TYR A 672 -16.01 19.80 3.68
N PHE A 673 -16.24 21.09 3.51
CA PHE A 673 -16.20 22.05 4.61
C PHE A 673 -17.58 22.60 4.94
N TYR A 674 -18.63 21.87 4.56
CA TYR A 674 -19.99 22.41 4.68
C TYR A 674 -20.35 22.67 6.14
N ARG A 675 -20.18 21.67 7.00
CA ARG A 675 -20.60 21.79 8.39
C ARG A 675 -19.54 21.30 9.38
N LEU A 676 -18.29 21.18 8.94
CA LEU A 676 -17.23 20.82 9.88
C LEU A 676 -17.07 21.88 10.97
N LEU A 677 -17.12 23.15 10.57
CA LEU A 677 -17.14 24.21 11.58
C LEU A 677 -18.43 24.19 12.38
N LYS A 678 -19.55 23.82 11.73
CA LYS A 678 -20.79 23.63 12.47
C LYS A 678 -20.64 22.50 13.49
N LEU A 679 -19.96 21.43 13.10
CA LEU A 679 -19.58 20.40 14.06
C LEU A 679 -18.60 20.91 15.09
N ASN A 680 -17.92 22.02 14.80
CA ASN A 680 -16.97 22.63 15.72
C ASN A 680 -17.57 23.80 16.48
N SER A 681 -18.89 24.00 16.37
CA SER A 681 -19.55 25.13 17.03
C SER A 681 -19.33 25.19 18.54
N PRO A 682 -19.36 24.09 19.31
CA PRO A 682 -19.29 24.24 20.78
C PRO A 682 -18.10 25.03 21.28
N GLU A 683 -16.96 24.99 20.59
CA GLU A 683 -15.80 25.76 21.00
C GLU A 683 -15.81 27.14 20.35
N TRP A 684 -16.90 27.87 20.62
CA TRP A 684 -17.00 29.25 20.13
C TRP A 684 -15.85 30.12 20.60
N PRO A 685 -15.45 30.12 21.89
CA PRO A 685 -14.22 30.83 22.26
C PRO A 685 -12.99 29.99 21.95
N TYR A 686 -11.82 30.45 22.39
CA TYR A 686 -10.54 29.77 22.24
C TYR A 686 -10.07 29.71 20.79
N SER A 687 -10.87 30.19 19.84
CA SER A 687 -10.51 30.18 18.43
C SER A 687 -10.44 31.58 17.85
N ILE A 688 -11.37 32.46 18.21
CA ILE A 688 -11.31 33.84 17.75
C ILE A 688 -10.02 34.51 18.25
N MET A 689 -9.66 34.25 19.50
CA MET A 689 -8.38 34.73 20.00
C MET A 689 -7.22 34.14 19.21
N GLY A 690 -7.40 32.93 18.67
CA GLY A 690 -6.39 32.36 17.79
C GLY A 690 -6.23 33.17 16.52
N ALA A 691 -7.34 33.57 15.91
CA ALA A 691 -7.25 34.43 14.72
C ALA A 691 -6.65 35.78 15.05
N VAL A 692 -6.98 36.33 16.23
CA VAL A 692 -6.37 37.59 16.66
C VAL A 692 -4.86 37.42 16.80
N GLY A 693 -4.43 36.32 17.39
CA GLY A 693 -3.00 36.05 17.48
C GLY A 693 -2.35 35.91 16.12
N SER A 694 -3.05 35.28 15.17
CA SER A 694 -2.51 35.17 13.82
C SER A 694 -2.34 36.53 13.16
N ILE A 695 -3.34 37.39 13.31
CA ILE A 695 -3.24 38.74 12.76
C ILE A 695 -2.09 39.49 13.41
N LEU A 696 -1.94 39.35 14.73
CA LEU A 696 -0.84 40.02 15.42
C LEU A 696 0.51 39.49 14.97
N SER A 697 0.61 38.19 14.73
CA SER A 697 1.85 37.55 14.33
C SER A 697 2.21 37.82 12.87
N GLY A 698 1.24 38.16 12.04
CA GLY A 698 1.53 38.43 10.65
C GLY A 698 2.21 39.75 10.36
N PHE A 699 2.43 40.58 11.39
CA PHE A 699 3.02 41.88 11.19
C PHE A 699 4.55 41.86 11.25
N ILE A 700 5.17 40.70 11.47
CA ILE A 700 6.61 40.67 11.68
C ILE A 700 7.37 40.97 10.40
N GLY A 701 6.89 40.50 9.26
CA GLY A 701 7.60 40.63 8.01
C GLY A 701 7.76 42.07 7.54
N PRO A 702 6.63 42.72 7.23
CA PRO A 702 6.71 44.11 6.75
C PRO A 702 7.43 45.06 7.69
N THR A 703 7.26 44.91 9.01
CA THR A 703 8.01 45.75 9.94
C THR A 703 9.51 45.56 9.77
N PHE A 704 9.95 44.30 9.69
CA PHE A 704 11.36 44.02 9.51
C PHE A 704 11.88 44.62 8.21
N ALA A 705 11.12 44.45 7.11
CA ALA A 705 11.57 44.98 5.83
C ALA A 705 11.64 46.50 5.85
N ILE A 706 10.64 47.16 6.43
CA ILE A 706 10.63 48.62 6.47
C ILE A 706 11.81 49.13 7.27
N VAL A 707 12.06 48.54 8.45
CA VAL A 707 13.13 49.04 9.28
C VAL A 707 14.49 48.78 8.64
N MET A 708 14.66 47.62 8.00
CA MET A 708 15.91 47.35 7.32
C MET A 708 16.12 48.30 6.15
N SER A 709 15.06 48.65 5.42
CA SER A 709 15.19 49.64 4.35
C SER A 709 15.58 51.00 4.91
N ASN A 710 15.00 51.39 6.04
CA ASN A 710 15.42 52.64 6.68
C ASN A 710 16.90 52.59 7.04
N MET A 711 17.37 51.43 7.52
CA MET A 711 18.77 51.31 7.88
C MET A 711 19.67 51.40 6.66
N ILE A 712 19.29 50.74 5.56
CA ILE A 712 20.08 50.81 4.34
C ILE A 712 20.02 52.18 3.69
N GLU A 713 19.02 53.00 4.03
CA GLU A 713 18.97 54.37 3.57
C GLU A 713 19.80 55.32 4.42
N VAL A 714 19.80 55.14 5.74
CA VAL A 714 20.45 56.09 6.63
C VAL A 714 21.97 56.08 6.53
N PHE A 715 22.55 55.06 5.91
CA PHE A 715 24.00 54.97 5.85
C PHE A 715 24.64 56.06 5.02
N TYR A 716 23.89 56.69 4.12
CA TYR A 716 24.45 57.68 3.22
C TYR A 716 24.40 59.09 3.76
N TYR A 717 23.96 59.28 5.00
CA TYR A 717 24.16 60.57 5.66
C TYR A 717 25.64 60.90 5.68
N THR A 718 25.99 62.12 5.31
CA THR A 718 27.38 62.55 5.34
C THR A 718 27.51 63.69 6.34
N ASP A 719 27.60 63.31 7.62
CA ASP A 719 28.04 64.19 8.68
C ASP A 719 28.91 63.48 9.70
N TYR A 720 28.98 62.15 9.67
CA TYR A 720 29.75 61.35 10.62
C TYR A 720 29.28 61.57 12.05
N ASP A 721 28.00 61.94 12.21
CA ASP A 721 27.41 62.10 13.53
C ASP A 721 25.91 61.88 13.43
N SER A 722 25.30 61.58 14.57
CA SER A 722 23.86 61.47 14.74
C SER A 722 23.27 60.23 14.10
N MET A 723 24.06 59.44 13.36
CA MET A 723 23.55 58.15 12.96
C MET A 723 23.60 57.14 14.09
N GLU A 724 24.42 57.41 15.12
CA GLU A 724 24.51 56.50 16.25
C GLU A 724 23.17 56.36 16.96
N ARG A 725 22.48 57.49 17.19
CA ARG A 725 21.19 57.44 17.84
C ARG A 725 20.17 56.69 17.01
N LYS A 726 20.15 56.94 15.69
CA LYS A 726 19.21 56.25 14.82
C LYS A 726 19.46 54.75 14.82
N THR A 727 20.73 54.36 14.72
CA THR A 727 21.07 52.94 14.73
C THR A 727 20.74 52.30 16.06
N LYS A 728 20.94 53.00 17.17
CA LYS A 728 20.56 52.47 18.47
C LYS A 728 19.06 52.24 18.54
N GLU A 729 18.28 53.19 18.04
CA GLU A 729 16.83 53.04 18.03
C GLU A 729 16.41 51.85 17.16
N TYR A 730 17.07 51.68 16.01
CA TYR A 730 16.72 50.58 15.12
C TYR A 730 17.11 49.23 15.73
N VAL A 731 18.22 49.18 16.47
CA VAL A 731 18.59 47.94 17.15
C VAL A 731 17.58 47.63 18.24
N PHE A 732 17.15 48.66 18.97
CA PHE A 732 16.13 48.46 19.99
C PHE A 732 14.83 47.95 19.39
N ILE A 733 14.46 48.46 18.20
CA ILE A 733 13.22 47.97 17.60
C ILE A 733 13.38 46.54 17.09
N TYR A 734 14.57 46.15 16.62
CA TYR A 734 14.81 44.73 16.33
C TYR A 734 14.65 43.85 17.56
N ILE A 735 15.22 44.25 18.69
CA ILE A 735 15.11 43.36 19.85
C ILE A 735 13.66 43.31 20.35
N GLY A 736 12.95 44.43 20.28
CA GLY A 736 11.54 44.43 20.63
C GLY A 736 10.71 43.54 19.73
N ALA A 737 10.97 43.59 18.42
CA ALA A 737 10.28 42.71 17.48
C ALA A 737 10.65 41.25 17.69
N GLY A 738 11.91 40.97 18.04
CA GLY A 738 12.30 39.60 18.30
C GLY A 738 11.59 39.01 19.50
N LEU A 739 11.40 39.81 20.54
CA LEU A 739 10.55 39.37 21.65
C LEU A 739 9.10 39.22 21.22
N TYR A 740 8.66 40.00 20.23
CA TYR A 740 7.26 39.97 19.81
C TYR A 740 6.90 38.63 19.16
N ALA A 741 7.82 38.05 18.40
CA ALA A 741 7.54 36.75 17.78
C ALA A 741 7.33 35.68 18.85
N VAL A 742 8.16 35.69 19.90
CA VAL A 742 7.97 34.76 21.00
C VAL A 742 6.63 35.01 21.67
N GLY A 743 6.27 36.28 21.86
CA GLY A 743 4.99 36.59 22.46
C GLY A 743 3.77 36.29 21.61
N ALA A 744 3.94 36.10 20.30
CA ALA A 744 2.80 35.92 19.41
C ALA A 744 2.62 34.49 18.94
N TYR A 745 3.68 33.84 18.48
CA TYR A 745 3.55 32.47 17.99
C TYR A 745 3.07 31.52 19.07
N LEU A 746 3.51 31.72 20.31
CA LEU A 746 3.02 30.88 21.40
C LEU A 746 1.51 30.97 21.51
N ILE A 747 0.96 32.19 21.53
CA ILE A 747 -0.48 32.36 21.62
C ILE A 747 -1.17 31.69 20.45
N GLN A 748 -0.68 31.94 19.24
CA GLN A 748 -1.36 31.41 18.06
C GLN A 748 -1.39 29.88 18.07
N HIS A 749 -0.23 29.25 18.24
CA HIS A 749 -0.12 27.81 18.14
C HIS A 749 -0.52 27.09 19.42
N TYR A 750 -0.86 27.82 20.48
CA TYR A 750 -1.53 27.20 21.62
C TYR A 750 -3.04 27.22 21.46
N PHE A 751 -3.61 28.36 21.05
CA PHE A 751 -5.06 28.41 20.88
C PHE A 751 -5.52 27.55 19.71
N PHE A 752 -4.73 27.47 18.64
CA PHE A 752 -5.18 26.64 17.52
C PHE A 752 -5.04 25.15 17.82
N SER A 753 -4.25 24.78 18.82
CA SER A 753 -4.18 23.38 19.21
C SER A 753 -5.52 22.88 19.74
N ILE A 754 -6.28 23.74 20.44
CA ILE A 754 -7.60 23.33 20.91
C ILE A 754 -8.52 23.02 19.73
N MET A 755 -8.54 23.90 18.73
CA MET A 755 -9.34 23.65 17.54
C MET A 755 -8.90 22.37 16.84
N GLY A 756 -7.59 22.13 16.79
CA GLY A 756 -7.10 20.93 16.14
C GLY A 756 -7.33 19.64 16.89
N GLU A 757 -7.48 19.69 18.20
CA GLU A 757 -7.57 18.46 19.00
C GLU A 757 -8.97 18.15 19.50
N ASN A 758 -9.71 19.15 19.98
CA ASN A 758 -11.07 18.90 20.45
C ASN A 758 -11.94 18.36 19.34
N LEU A 759 -11.78 18.89 18.12
CA LEU A 759 -12.54 18.39 16.98
C LEU A 759 -12.25 16.92 16.71
N THR A 760 -10.97 16.54 16.75
CA THR A 760 -10.61 15.14 16.53
C THR A 760 -11.22 14.25 17.62
N THR A 761 -11.13 14.69 18.87
CA THR A 761 -11.63 13.86 19.97
C THR A 761 -13.14 13.73 19.91
N ARG A 762 -13.83 14.75 19.42
CA ARG A 762 -15.28 14.69 19.31
C ARG A 762 -15.75 14.05 18.01
N VAL A 763 -14.86 13.85 17.03
CA VAL A 763 -15.28 13.22 15.79
C VAL A 763 -14.98 11.72 15.85
N ARG A 764 -13.92 11.33 16.56
CA ARG A 764 -13.62 9.90 16.68
C ARG A 764 -14.74 9.16 17.38
N ARG A 765 -15.24 9.73 18.48
CA ARG A 765 -16.31 9.08 19.22
C ARG A 765 -17.57 8.95 18.39
N MET A 766 -17.94 10.01 17.67
CA MET A 766 -19.11 9.95 16.80
C MET A 766 -18.94 8.90 15.71
N MET A 767 -17.76 8.85 15.11
CA MET A 767 -17.51 7.87 14.05
C MET A 767 -17.62 6.44 14.59
N LEU A 768 -17.03 6.18 15.76
CA LEU A 768 -17.12 4.84 16.33
C LEU A 768 -18.55 4.48 16.70
N SER A 769 -19.30 5.45 17.25
CA SER A 769 -20.70 5.18 17.59
C SER A 769 -21.51 4.86 16.34
N ALA A 770 -21.25 5.58 15.24
CA ALA A 770 -21.93 5.26 13.99
C ALA A 770 -21.55 3.88 13.48
N ILE A 771 -20.27 3.51 13.62
CA ILE A 771 -19.84 2.18 13.17
C ILE A 771 -20.53 1.09 13.97
N LEU A 772 -20.65 1.27 15.28
CA LEU A 772 -21.19 0.22 16.13
C LEU A 772 -22.65 -0.08 15.78
N ARG A 773 -23.44 0.96 15.52
CA ARG A 773 -24.87 0.77 15.27
C ARG A 773 -25.17 0.27 13.87
N ASN A 774 -24.16 -0.09 13.09
CA ASN A 774 -24.40 -0.60 11.74
C ASN A 774 -24.92 -2.03 11.78
N GLU A 775 -25.42 -2.49 10.64
CA GLU A 775 -25.96 -3.83 10.55
C GLU A 775 -24.83 -4.86 10.46
N VAL A 776 -25.20 -6.12 10.70
CA VAL A 776 -24.19 -7.18 10.81
C VAL A 776 -23.52 -7.43 9.46
N GLY A 777 -24.30 -7.51 8.39
CA GLY A 777 -23.75 -7.86 7.09
C GLY A 777 -22.72 -6.89 6.57
N TRP A 778 -22.68 -5.66 7.13
CA TRP A 778 -21.65 -4.71 6.72
C TRP A 778 -20.25 -5.20 7.06
N PHE A 779 -20.14 -6.07 8.05
CA PHE A 779 -18.85 -6.64 8.42
C PHE A 779 -18.47 -7.87 7.61
N ASP A 780 -19.37 -8.37 6.76
CA ASP A 780 -19.10 -9.59 6.01
C ASP A 780 -18.05 -9.38 4.91
N GLU A 781 -17.88 -8.16 4.44
CA GLU A 781 -16.91 -7.90 3.38
C GLU A 781 -15.48 -8.14 3.88
N ASP A 782 -14.67 -8.77 3.03
CA ASP A 782 -13.29 -9.07 3.41
C ASP A 782 -12.49 -7.79 3.63
N GLU A 783 -12.65 -6.80 2.75
CA GLU A 783 -11.95 -5.54 2.93
C GLU A 783 -12.46 -4.79 4.15
N HIS A 784 -13.75 -4.90 4.44
CA HIS A 784 -14.31 -4.31 5.65
C HIS A 784 -13.91 -5.16 6.85
N ASN A 785 -12.61 -5.18 7.15
CA ASN A 785 -12.04 -6.05 8.16
C ASN A 785 -11.78 -5.29 9.45
N SER A 786 -11.81 -6.04 10.57
CA SER A 786 -11.54 -5.43 11.87
C SER A 786 -10.13 -4.86 11.93
N SER A 787 -9.20 -5.41 11.15
CA SER A 787 -7.84 -4.89 11.10
C SER A 787 -7.70 -3.73 10.14
N LEU A 788 -8.76 -3.36 9.43
CA LEU A 788 -8.74 -2.25 8.47
C LEU A 788 -9.48 -1.02 8.94
N ILE A 789 -10.63 -1.21 9.60
CA ILE A 789 -11.43 -0.07 10.03
C ILE A 789 -10.65 0.78 11.03
N ALA A 790 -10.02 0.13 12.01
CA ALA A 790 -9.26 0.87 13.01
C ALA A 790 -8.06 1.59 12.42
N ALA A 791 -7.35 0.94 11.49
CA ALA A 791 -6.22 1.59 10.85
C ALA A 791 -6.67 2.79 10.03
N ARG A 792 -7.79 2.66 9.31
CA ARG A 792 -8.34 3.79 8.57
C ARG A 792 -8.72 4.91 9.53
N LEU A 793 -9.33 4.56 10.66
CA LEU A 793 -9.76 5.55 11.64
C LEU A 793 -8.57 6.33 12.21
N ALA A 794 -7.49 5.62 12.54
CA ALA A 794 -6.35 6.27 13.18
C ALA A 794 -5.75 7.36 12.30
N THR A 795 -5.60 7.08 11.00
CA THR A 795 -5.03 8.07 10.10
C THR A 795 -6.04 9.17 9.75
N ASP A 796 -7.28 8.80 9.47
CA ASP A 796 -8.24 9.80 8.99
C ASP A 796 -8.70 10.73 10.11
N ALA A 797 -8.63 10.29 11.36
CA ALA A 797 -8.90 11.21 12.46
C ALA A 797 -7.82 12.29 12.54
N ALA A 798 -6.56 11.89 12.43
CA ALA A 798 -5.48 12.87 12.51
C ALA A 798 -5.45 13.78 11.29
N ASP A 799 -5.89 13.28 10.14
CA ASP A 799 -5.86 14.11 8.93
C ASP A 799 -6.76 15.33 9.05
N VAL A 800 -7.84 15.24 9.84
CA VAL A 800 -8.79 16.35 9.93
C VAL A 800 -8.13 17.57 10.57
N LYS A 801 -7.30 17.36 11.59
CA LYS A 801 -6.64 18.48 12.24
C LYS A 801 -5.77 19.25 11.26
N SER A 802 -5.02 18.54 10.42
CA SER A 802 -4.19 19.22 9.44
C SER A 802 -5.02 19.86 8.34
N ALA A 803 -6.14 19.22 7.97
CA ALA A 803 -6.92 19.71 6.84
C ALA A 803 -7.78 20.93 7.18
N ILE A 804 -8.28 21.03 8.41
CA ILE A 804 -9.28 22.02 8.74
C ILE A 804 -8.84 23.04 9.79
N ALA A 805 -7.66 22.87 10.39
CA ALA A 805 -7.20 23.79 11.43
C ALA A 805 -5.96 24.58 11.04
N GLU A 806 -4.88 23.89 10.67
CA GLU A 806 -3.64 24.60 10.37
C GLU A 806 -3.78 25.48 9.14
N ARG A 807 -4.50 25.01 8.11
CA ARG A 807 -4.60 25.75 6.86
C ARG A 807 -5.31 27.07 7.06
N ILE A 808 -6.33 27.13 7.92
CA ILE A 808 -7.00 28.39 8.19
C ILE A 808 -6.01 29.41 8.74
N SER A 809 -5.20 29.01 9.72
CA SER A 809 -4.22 29.92 10.29
C SER A 809 -3.20 30.37 9.26
N VAL A 810 -2.69 29.43 8.46
CA VAL A 810 -1.67 29.78 7.47
C VAL A 810 -2.22 30.76 6.45
N ILE A 811 -3.42 30.48 5.93
CA ILE A 811 -4.03 31.34 4.93
C ILE A 811 -4.27 32.73 5.50
N LEU A 812 -4.83 32.80 6.71
CA LEU A 812 -5.10 34.11 7.31
C LEU A 812 -3.81 34.89 7.53
N GLN A 813 -2.77 34.23 8.02
CA GLN A 813 -1.50 34.90 8.26
C GLN A 813 -0.92 35.48 6.97
N ASN A 814 -0.82 34.65 5.93
CA ASN A 814 -0.25 35.12 4.68
C ASN A 814 -1.09 36.25 4.07
N MET A 815 -2.41 36.10 4.08
CA MET A 815 -3.25 37.12 3.47
C MET A 815 -3.15 38.44 4.20
N THR A 816 -3.16 38.42 5.53
CA THR A 816 -3.04 39.67 6.26
C THR A 816 -1.65 40.30 6.09
N SER A 817 -0.59 39.48 6.01
CA SER A 817 0.73 40.05 5.74
C SER A 817 0.77 40.75 4.39
N LEU A 818 0.26 40.10 3.36
CA LEU A 818 0.26 40.69 2.02
C LEU A 818 -0.57 41.98 1.99
N LEU A 819 -1.75 41.95 2.61
CA LEU A 819 -2.62 43.12 2.58
C LEU A 819 -1.99 44.29 3.32
N THR A 820 -1.36 44.03 4.47
CA THR A 820 -0.67 45.11 5.17
C THR A 820 0.48 45.66 4.34
N SER A 821 1.23 44.78 3.68
CA SER A 821 2.38 45.24 2.89
C SER A 821 1.95 46.15 1.75
N PHE A 822 0.91 45.78 1.01
CA PHE A 822 0.47 46.63 -0.09
C PHE A 822 -0.05 47.97 0.39
N ILE A 823 -0.77 48.00 1.52
CA ILE A 823 -1.26 49.26 2.04
C ILE A 823 -0.09 50.17 2.43
N VAL A 824 0.93 49.59 3.07
CA VAL A 824 2.12 50.38 3.41
C VAL A 824 2.78 50.92 2.15
N ALA A 825 2.92 50.07 1.13
CA ALA A 825 3.53 50.50 -0.12
C ALA A 825 2.77 51.68 -0.71
N PHE A 826 1.46 51.55 -0.83
CA PHE A 826 0.66 52.61 -1.47
C PHE A 826 0.73 53.90 -0.67
N ILE A 827 0.68 53.81 0.66
CA ILE A 827 0.77 55.02 1.48
C ILE A 827 2.12 55.69 1.29
N VAL A 828 3.20 54.90 1.26
CA VAL A 828 4.52 55.46 1.09
C VAL A 828 4.66 56.12 -0.29
N GLU A 829 4.20 55.43 -1.33
CA GLU A 829 4.37 55.93 -2.69
C GLU A 829 3.28 55.33 -3.56
N TRP A 830 2.95 56.02 -4.66
CA TRP A 830 1.87 55.54 -5.51
C TRP A 830 2.27 55.46 -6.97
N ARG A 831 3.19 56.32 -7.42
CA ARG A 831 3.51 56.38 -8.85
C ARG A 831 4.38 55.22 -9.30
N VAL A 832 4.94 54.44 -8.37
CA VAL A 832 5.81 53.33 -8.73
C VAL A 832 5.04 52.02 -8.58
N SER A 833 4.14 51.97 -7.60
CA SER A 833 3.46 50.72 -7.27
C SER A 833 2.65 50.15 -8.42
N LEU A 834 2.30 50.96 -9.42
CA LEU A 834 1.52 50.46 -10.55
C LEU A 834 2.28 49.36 -11.28
N LEU A 835 3.56 49.57 -11.56
CA LEU A 835 4.35 48.57 -12.25
C LEU A 835 4.47 47.29 -11.43
N ILE A 836 4.68 47.43 -10.13
CA ILE A 836 4.83 46.24 -9.28
C ILE A 836 3.53 45.46 -9.25
N LEU A 837 2.40 46.15 -9.13
CA LEU A 837 1.12 45.44 -9.12
C LEU A 837 0.83 44.81 -10.47
N GLY A 838 1.31 45.44 -11.56
CA GLY A 838 1.15 44.82 -12.87
C GLY A 838 1.95 43.55 -13.03
N THR A 839 3.20 43.56 -12.57
CA THR A 839 4.11 42.44 -12.77
C THR A 839 4.14 41.44 -11.62
N PHE A 840 3.32 41.65 -10.59
CA PHE A 840 3.29 40.74 -9.45
C PHE A 840 3.00 39.29 -9.83
N PRO A 841 2.02 38.97 -10.67
CA PRO A 841 1.80 37.56 -11.02
C PRO A 841 3.03 36.89 -11.61
N LEU A 842 3.79 37.61 -12.43
CA LEU A 842 4.98 37.02 -13.02
C LEU A 842 6.03 36.72 -11.98
N LEU A 843 6.25 37.64 -11.04
CA LEU A 843 7.22 37.43 -9.97
C LEU A 843 6.83 36.24 -9.10
N VAL A 844 5.55 36.16 -8.73
CA VAL A 844 5.13 35.04 -7.89
C VAL A 844 5.20 33.73 -8.67
N LEU A 845 4.96 33.76 -9.98
CA LEU A 845 5.12 32.56 -10.79
C LEU A 845 6.57 32.07 -10.77
N ALA A 846 7.52 32.99 -10.95
CA ALA A 846 8.92 32.60 -10.93
C ALA A 846 9.33 32.04 -9.57
N ASN A 847 8.90 32.70 -8.49
CA ASN A 847 9.22 32.18 -7.17
C ASN A 847 8.56 30.83 -6.91
N PHE A 848 7.37 30.60 -7.46
CA PHE A 848 6.73 29.31 -7.35
C PHE A 848 7.50 28.23 -8.09
N ALA A 849 8.01 28.54 -9.28
CA ALA A 849 8.81 27.57 -10.02
C ALA A 849 10.09 27.22 -9.28
N GLN A 850 10.71 28.22 -8.65
CA GLN A 850 11.91 27.93 -7.86
C GLN A 850 11.62 26.93 -6.76
N GLN A 851 10.41 26.95 -6.19
CA GLN A 851 10.07 25.99 -5.15
C GLN A 851 9.94 24.58 -5.71
N LEU A 852 9.26 24.43 -6.86
CA LEU A 852 9.15 23.12 -7.47
C LEU A 852 10.48 22.58 -7.92
N SER A 853 11.47 23.44 -8.15
CA SER A 853 12.80 22.96 -8.55
C SER A 853 13.37 21.99 -7.53
N LEU A 854 13.01 22.14 -6.25
CA LEU A 854 13.59 21.29 -5.20
C LEU A 854 13.12 19.86 -5.31
N LYS A 855 11.81 19.64 -5.44
CA LYS A 855 11.25 18.29 -5.40
C LYS A 855 11.60 17.46 -6.62
N GLY A 856 12.15 18.05 -7.66
CA GLY A 856 12.49 17.31 -8.87
C GLY A 856 11.43 17.43 -9.94
N PHE A 857 11.86 17.65 -11.18
CA PHE A 857 10.95 17.80 -12.30
C PHE A 857 10.59 16.48 -12.95
N ALA A 858 11.04 15.36 -12.40
CA ALA A 858 10.70 14.06 -12.96
C ALA A 858 9.21 13.77 -12.93
N GLY A 859 8.48 14.38 -11.99
CA GLY A 859 7.05 14.16 -11.91
C GLY A 859 6.75 12.73 -11.48
N ASP A 860 5.55 12.27 -11.85
CA ASP A 860 5.14 10.91 -11.54
C ASP A 860 6.00 9.90 -12.29
N THR A 861 6.27 8.77 -11.63
CA THR A 861 7.04 7.70 -12.22
C THR A 861 6.28 6.39 -12.01
N ALA A 862 6.40 5.49 -12.99
CA ALA A 862 5.73 4.20 -13.07
C ALA A 862 4.24 4.34 -13.35
N LYS A 863 3.71 5.56 -13.41
CA LYS A 863 2.32 5.74 -13.85
C LYS A 863 2.15 5.27 -15.30
N ALA A 864 3.13 5.59 -16.14
CA ALA A 864 3.17 5.09 -17.51
C ALA A 864 4.41 4.25 -17.79
N HIS A 865 5.31 4.11 -16.81
CA HIS A 865 6.54 3.34 -16.97
C HIS A 865 6.37 1.89 -16.52
N ALA A 866 5.21 1.52 -15.99
CA ALA A 866 4.98 0.16 -15.50
C ALA A 866 4.43 -0.78 -16.57
N LYS A 867 4.12 -0.27 -17.77
CA LYS A 867 3.59 -1.14 -18.82
C LYS A 867 4.62 -2.18 -19.23
N THR A 868 5.88 -1.78 -19.38
CA THR A 868 6.94 -2.74 -19.67
C THR A 868 7.22 -3.63 -18.47
N SER A 869 7.13 -3.06 -17.26
CA SER A 869 7.39 -3.83 -16.05
C SER A 869 6.38 -4.95 -15.89
N MET A 870 5.13 -4.74 -16.30
CA MET A 870 4.14 -5.80 -16.21
C MET A 870 4.51 -6.95 -17.14
N ILE A 871 4.93 -6.63 -18.37
CA ILE A 871 5.38 -7.66 -19.30
C ILE A 871 6.55 -8.44 -18.71
N ALA A 872 7.52 -7.72 -18.15
CA ALA A 872 8.69 -8.39 -17.58
C ALA A 872 8.31 -9.29 -16.41
N GLY A 873 7.44 -8.80 -15.52
CA GLY A 873 7.06 -9.60 -14.37
C GLY A 873 6.25 -10.83 -14.75
N GLU A 874 5.36 -10.68 -15.73
CA GLU A 874 4.61 -11.84 -16.20
C GLU A 874 5.51 -12.85 -16.90
N GLY A 875 6.48 -12.38 -17.68
CA GLY A 875 7.36 -13.30 -18.37
C GLY A 875 8.22 -14.11 -17.41
N VAL A 876 8.74 -13.47 -16.36
CA VAL A 876 9.60 -14.17 -15.41
C VAL A 876 8.84 -15.12 -14.51
N SER A 877 7.51 -15.15 -14.60
CA SER A 877 6.75 -16.11 -13.81
C SER A 877 6.73 -17.48 -14.47
N ASN A 878 6.40 -17.53 -15.75
CA ASN A 878 6.30 -18.79 -16.49
C ASN A 878 7.61 -19.14 -17.19
N ILE A 879 8.70 -19.21 -16.44
CA ILE A 879 10.00 -19.55 -17.02
C ILE A 879 9.95 -20.96 -17.62
N ARG A 880 9.34 -21.90 -16.89
CA ARG A 880 9.26 -23.26 -17.39
C ARG A 880 8.44 -23.32 -18.68
N THR A 881 7.34 -22.58 -18.73
CA THR A 881 6.51 -22.56 -19.94
C THR A 881 7.24 -21.92 -21.11
N VAL A 882 7.96 -20.81 -20.85
CA VAL A 882 8.67 -20.13 -21.93
C VAL A 882 9.81 -21.00 -22.44
N ALA A 883 10.46 -21.76 -21.55
CA ALA A 883 11.53 -22.66 -21.97
C ALA A 883 11.01 -23.66 -23.00
N ALA A 884 9.87 -24.27 -22.73
CA ALA A 884 9.19 -25.04 -23.75
C ALA A 884 8.69 -24.11 -24.84
N PHE A 885 8.72 -24.60 -26.09
CA PHE A 885 8.35 -23.80 -27.25
C PHE A 885 9.20 -22.53 -27.30
N ASN A 886 10.51 -22.72 -27.41
CA ASN A 886 11.48 -21.65 -27.22
C ASN A 886 11.18 -20.43 -28.09
N ALA A 887 10.87 -19.32 -27.45
CA ALA A 887 10.59 -18.06 -28.12
C ALA A 887 11.25 -16.90 -27.39
N GLN A 888 12.46 -17.14 -26.89
CA GLN A 888 13.18 -16.10 -26.14
C GLN A 888 13.46 -14.89 -27.02
N SER A 889 13.80 -15.11 -28.28
CA SER A 889 14.06 -14.00 -29.19
C SER A 889 12.82 -13.14 -29.38
N LYS A 890 11.65 -13.78 -29.52
CA LYS A 890 10.41 -13.02 -29.69
C LYS A 890 10.10 -12.19 -28.45
N ILE A 891 10.29 -12.77 -27.27
CA ILE A 891 10.05 -12.03 -26.02
C ILE A 891 10.99 -10.84 -25.92
N LEU A 892 12.28 -11.06 -26.23
CA LEU A 892 13.23 -9.97 -26.17
C LEU A 892 12.89 -8.87 -27.17
N SER A 893 12.47 -9.25 -28.38
CA SER A 893 12.09 -8.26 -29.39
C SER A 893 10.87 -7.46 -28.93
N LEU A 894 9.88 -8.14 -28.35
CA LEU A 894 8.70 -7.42 -27.85
C LEU A 894 9.09 -6.46 -26.74
N PHE A 895 9.96 -6.89 -25.83
CA PHE A 895 10.40 -6.02 -24.75
C PHE A 895 11.14 -4.80 -25.30
N CYS A 896 12.02 -5.03 -26.30
CA CYS A 896 12.75 -3.92 -26.89
C CYS A 896 11.81 -2.94 -27.57
N HIS A 897 10.81 -3.45 -28.30
CA HIS A 897 9.85 -2.58 -28.97
C HIS A 897 8.92 -1.87 -28.01
N GLU A 898 8.71 -2.41 -26.81
CA GLU A 898 7.80 -1.79 -25.86
C GLU A 898 8.42 -0.60 -25.13
N LEU A 899 9.74 -0.41 -25.23
CA LEU A 899 10.40 0.70 -24.57
C LEU A 899 10.36 2.00 -25.38
N ARG A 900 9.77 1.98 -26.57
CA ARG A 900 9.76 3.18 -27.41
C ARG A 900 8.88 4.27 -26.81
N VAL A 901 7.89 3.91 -26.00
CA VAL A 901 6.96 4.89 -25.44
C VAL A 901 7.60 5.68 -24.30
N PRO A 902 8.08 5.04 -23.22
CA PRO A 902 8.59 5.84 -22.09
C PRO A 902 9.76 6.74 -22.44
N GLN A 903 10.66 6.26 -23.31
CA GLN A 903 11.80 7.09 -23.70
C GLN A 903 11.33 8.33 -24.45
N LYS A 904 10.36 8.17 -25.36
CA LYS A 904 9.82 9.31 -26.08
C LYS A 904 9.13 10.28 -25.13
N ARG A 905 8.38 9.76 -24.16
CA ARG A 905 7.71 10.64 -23.21
C ARG A 905 8.73 11.42 -22.39
N SER A 906 9.80 10.76 -21.94
CA SER A 906 10.83 11.46 -21.19
C SER A 906 11.53 12.52 -22.04
N LEU A 907 11.77 12.19 -23.32
CA LEU A 907 12.42 13.17 -24.20
C LEU A 907 11.56 14.41 -24.37
N TYR A 908 10.24 14.22 -24.54
CA TYR A 908 9.36 15.38 -24.61
C TYR A 908 9.33 16.14 -23.29
N ARG A 909 9.27 15.41 -22.17
CA ARG A 909 9.15 16.04 -20.86
C ARG A 909 10.37 16.90 -20.55
N SER A 910 11.56 16.43 -20.91
CA SER A 910 12.78 17.19 -20.63
C SER A 910 12.70 18.58 -21.24
N GLN A 911 12.38 18.66 -22.52
CA GLN A 911 12.29 19.96 -23.17
C GLN A 911 11.12 20.79 -22.62
N THR A 912 9.93 20.20 -22.54
CA THR A 912 8.77 20.98 -22.13
C THR A 912 8.85 21.44 -20.69
N SER A 913 9.76 20.88 -19.90
CA SER A 913 10.01 21.38 -18.55
C SER A 913 11.17 22.37 -18.51
N GLY A 914 12.30 22.04 -19.14
CA GLY A 914 13.46 22.91 -19.05
C GLY A 914 13.22 24.26 -19.70
N PHE A 915 12.63 24.27 -20.90
CA PHE A 915 12.41 25.54 -21.58
C PHE A 915 11.45 26.42 -20.80
N LEU A 916 10.37 25.84 -20.27
CA LEU A 916 9.42 26.63 -19.49
C LEU A 916 10.08 27.16 -18.21
N PHE A 917 10.88 26.34 -17.54
CA PHE A 917 11.54 26.80 -16.33
C PHE A 917 12.50 27.95 -16.64
N GLY A 918 13.24 27.84 -17.74
CA GLY A 918 14.14 28.91 -18.12
C GLY A 918 13.41 30.20 -18.45
N LEU A 919 12.31 30.09 -19.20
CA LEU A 919 11.53 31.27 -19.53
C LEU A 919 11.00 31.93 -18.25
N SER A 920 10.54 31.13 -17.29
CA SER A 920 10.07 31.69 -16.03
C SER A 920 11.20 32.38 -15.27
N GLN A 921 12.36 31.74 -15.21
CA GLN A 921 13.49 32.31 -14.47
C GLN A 921 14.05 33.55 -15.13
N LEU A 922 13.82 33.75 -16.43
CA LEU A 922 14.23 34.99 -17.06
C LEU A 922 13.51 36.19 -16.45
N ALA A 923 12.21 36.06 -16.21
CA ALA A 923 11.40 37.22 -15.84
C ALA A 923 11.77 37.76 -14.46
N LEU A 924 12.06 36.88 -13.51
CA LEU A 924 12.33 37.32 -12.15
C LEU A 924 13.49 38.30 -12.09
N TYR A 925 14.41 38.24 -13.05
CA TYR A 925 15.50 39.21 -13.15
C TYR A 925 15.25 40.27 -14.20
N GLY A 926 14.49 39.96 -15.26
CA GLY A 926 14.20 40.98 -16.26
C GLY A 926 13.33 42.09 -15.72
N SER A 927 12.27 41.75 -14.98
CA SER A 927 11.39 42.76 -14.40
C SER A 927 12.13 43.64 -13.41
N GLU A 928 13.20 43.14 -12.81
CA GLU A 928 14.03 43.95 -11.93
C GLU A 928 14.56 45.17 -12.66
N ALA A 929 15.07 44.96 -13.88
CA ALA A 929 15.59 46.06 -14.66
C ALA A 929 14.51 47.07 -14.98
N LEU A 930 13.32 46.60 -15.35
CA LEU A 930 12.23 47.51 -15.66
C LEU A 930 11.88 48.36 -14.45
N ILE A 931 11.67 47.73 -13.29
CA ILE A 931 11.29 48.47 -12.09
C ILE A 931 12.34 49.50 -11.72
N LEU A 932 13.61 49.09 -11.69
CA LEU A 932 14.62 50.00 -11.21
C LEU A 932 14.97 51.09 -12.23
N TRP A 933 14.91 50.78 -13.52
CA TRP A 933 15.10 51.81 -14.53
C TRP A 933 14.01 52.85 -14.47
N TYR A 934 12.75 52.41 -14.32
CA TYR A 934 11.66 53.36 -14.19
C TYR A 934 11.82 54.21 -12.93
N GLY A 935 12.23 53.57 -11.82
CA GLY A 935 12.43 54.32 -10.59
C GLY A 935 13.53 55.36 -10.72
N ALA A 936 14.65 54.98 -11.32
CA ALA A 936 15.75 55.92 -11.51
C ALA A 936 15.36 57.04 -12.47
N HIS A 937 14.59 56.73 -13.52
CA HIS A 937 14.11 57.78 -14.39
C HIS A 937 13.12 58.69 -13.70
N LEU A 938 12.44 58.21 -12.66
CA LEU A 938 11.52 59.07 -11.91
C LEU A 938 12.28 60.20 -11.21
N VAL A 939 13.36 59.86 -10.49
CA VAL A 939 14.17 60.89 -9.88
C VAL A 939 14.95 61.63 -10.96
N SER A 940 15.31 62.87 -10.67
CA SER A 940 15.99 63.80 -11.57
C SER A 940 15.14 64.20 -12.76
N LYS A 941 13.91 63.70 -12.88
CA LYS A 941 13.00 64.18 -13.91
C LYS A 941 11.67 64.54 -13.28
N GLY A 942 11.31 63.84 -12.21
CA GLY A 942 10.04 64.09 -11.55
C GLY A 942 10.20 64.46 -10.09
N VAL A 943 9.40 63.86 -9.22
CA VAL A 943 9.43 64.14 -7.78
C VAL A 943 9.62 62.84 -7.03
N SER A 944 10.79 62.65 -6.43
CA SER A 944 11.14 61.51 -5.59
C SER A 944 12.57 61.72 -5.13
N THR A 945 13.02 60.82 -4.25
CA THR A 945 14.40 60.86 -3.76
C THR A 945 15.02 59.47 -3.83
N PHE A 946 16.20 59.31 -3.21
CA PHE A 946 16.77 57.98 -3.04
C PHE A 946 15.83 57.08 -2.27
N SER A 947 15.20 57.61 -1.22
CA SER A 947 14.16 56.87 -0.52
C SER A 947 12.93 56.74 -1.40
N LYS A 948 11.95 56.00 -0.90
CA LYS A 948 10.68 55.80 -1.57
C LYS A 948 10.85 55.07 -2.90
N VAL A 949 12.06 54.62 -3.19
CA VAL A 949 12.33 53.79 -4.37
C VAL A 949 12.92 52.48 -3.88
N ILE A 950 13.55 52.51 -2.72
CA ILE A 950 13.98 51.29 -2.05
C ILE A 950 12.94 50.80 -1.06
N LYS A 951 12.29 51.73 -0.36
CA LYS A 951 11.22 51.39 0.57
C LYS A 951 9.98 50.86 -0.12
N VAL A 952 9.90 50.98 -1.45
CA VAL A 952 8.84 50.35 -2.22
C VAL A 952 9.33 49.11 -2.95
N PHE A 953 10.64 48.94 -3.08
CA PHE A 953 11.17 47.77 -3.78
C PHE A 953 11.39 46.60 -2.82
N VAL A 954 12.13 46.83 -1.74
CA VAL A 954 12.55 45.73 -0.88
C VAL A 954 11.43 45.21 0.01
N VAL A 955 10.40 46.03 0.28
CA VAL A 955 9.28 45.56 1.10
C VAL A 955 8.19 44.90 0.28
N LEU A 956 8.25 44.99 -1.05
CA LEU A 956 7.36 44.21 -1.89
C LEU A 956 8.01 42.98 -2.47
N VAL A 957 9.32 42.99 -2.74
CA VAL A 957 9.98 41.78 -3.21
C VAL A 957 9.91 40.69 -2.14
N ILE A 958 10.11 41.07 -0.88
CA ILE A 958 10.07 40.11 0.21
C ILE A 958 8.69 39.47 0.31
N THR A 959 7.64 40.29 0.23
CA THR A 959 6.29 39.75 0.34
C THR A 959 5.89 38.95 -0.89
N ALA A 960 6.38 39.32 -2.07
CA ALA A 960 6.15 38.50 -3.26
C ALA A 960 6.80 37.14 -3.11
N ASN A 961 7.99 37.10 -2.52
CA ASN A 961 8.62 35.82 -2.22
C ASN A 961 7.77 35.03 -1.23
N SER A 962 7.29 35.70 -0.18
CA SER A 962 6.56 34.99 0.88
C SER A 962 5.25 34.40 0.39
N VAL A 963 4.51 35.16 -0.44
CA VAL A 963 3.15 34.75 -0.80
C VAL A 963 3.14 33.49 -1.66
N ALA A 964 4.29 33.06 -2.18
CA ALA A 964 4.30 31.87 -3.03
C ALA A 964 3.91 30.61 -2.28
N GLU A 965 4.16 30.56 -0.97
CA GLU A 965 3.85 29.35 -0.22
C GLU A 965 2.36 29.07 -0.16
N THR A 966 1.53 30.13 -0.14
CA THR A 966 0.09 29.93 -0.15
C THR A 966 -0.36 29.20 -1.40
N VAL A 967 0.16 29.59 -2.57
CA VAL A 967 -0.17 28.89 -3.79
C VAL A 967 0.44 27.50 -3.80
N SER A 968 1.65 27.35 -3.26
CA SER A 968 2.29 26.04 -3.21
C SER A 968 1.55 25.06 -2.33
N LEU A 969 0.78 25.53 -1.36
CA LEU A 969 0.00 24.66 -0.48
C LEU A 969 -1.33 24.24 -1.09
N ALA A 970 -1.60 24.62 -2.35
CA ALA A 970 -2.88 24.30 -2.97
C ALA A 970 -3.19 22.80 -3.01
N PRO A 971 -2.27 21.90 -3.36
CA PRO A 971 -2.66 20.48 -3.46
C PRO A 971 -3.22 19.88 -2.19
N GLU A 972 -2.77 20.33 -1.02
CA GLU A 972 -3.23 19.72 0.23
C GLU A 972 -4.68 20.06 0.52
N ILE A 973 -5.08 21.31 0.32
CA ILE A 973 -6.41 21.74 0.76
C ILE A 973 -7.50 21.13 -0.11
N ILE A 974 -7.30 21.09 -1.43
CA ILE A 974 -8.32 20.66 -2.37
C ILE A 974 -7.96 19.34 -3.03
N ARG A 975 -6.74 19.25 -3.59
CA ARG A 975 -6.36 18.03 -4.31
C ARG A 975 -6.06 16.88 -3.36
N GLY A 976 -5.66 17.18 -2.12
CA GLY A 976 -5.35 16.13 -1.17
C GLY A 976 -6.38 15.96 -0.07
N GLY A 977 -6.97 17.07 0.37
CA GLY A 977 -7.95 17.03 1.44
C GLY A 977 -9.37 16.74 1.03
N GLU A 978 -9.62 16.53 -0.27
CA GLU A 978 -11.00 16.28 -0.71
C GLU A 978 -11.47 14.88 -0.34
N ALA A 979 -10.55 13.93 -0.20
CA ALA A 979 -10.90 12.55 0.11
C ALA A 979 -10.69 12.23 1.59
N VAL A 980 -9.47 12.45 2.09
CA VAL A 980 -9.18 12.14 3.49
C VAL A 980 -9.92 13.09 4.41
N GLY A 981 -10.07 14.35 4.02
CA GLY A 981 -10.84 15.29 4.81
C GLY A 981 -12.32 15.05 4.78
N SER A 982 -12.82 14.33 3.77
CA SER A 982 -14.23 14.00 3.64
C SER A 982 -14.49 12.50 3.79
N VAL A 983 -13.62 11.81 4.52
CA VAL A 983 -13.74 10.38 4.73
C VAL A 983 -14.94 9.98 5.58
N PHE A 984 -15.62 10.94 6.19
CA PHE A 984 -16.71 10.58 7.09
C PHE A 984 -17.97 10.22 6.32
N SER A 985 -17.83 9.33 5.33
CA SER A 985 -19.01 8.77 4.67
C SER A 985 -19.73 7.80 5.59
N VAL A 986 -18.98 7.13 6.48
CA VAL A 986 -19.59 6.26 7.48
C VAL A 986 -20.24 7.04 8.60
N LEU A 987 -19.99 8.35 8.68
CA LEU A 987 -20.62 9.15 9.73
C LEU A 987 -22.11 9.36 9.45
N ASP A 988 -22.51 9.40 8.19
CA ASP A 988 -23.89 9.63 7.81
C ASP A 988 -24.48 8.51 6.98
N ARG A 989 -23.80 7.36 6.89
CA ARG A 989 -24.33 6.23 6.15
C ARG A 989 -25.55 5.66 6.86
N GLN A 990 -26.61 5.38 6.09
CA GLN A 990 -27.83 4.85 6.66
C GLN A 990 -27.71 3.35 6.90
N THR A 991 -28.21 2.90 8.04
CA THR A 991 -28.15 1.50 8.41
C THR A 991 -29.29 0.71 7.78
N ARG A 992 -29.04 -0.57 7.53
CA ARG A 992 -30.08 -1.43 6.98
C ARG A 992 -31.14 -1.75 8.02
N ILE A 993 -30.73 -2.05 9.25
CA ILE A 993 -31.64 -2.34 10.36
C ILE A 993 -31.42 -1.28 11.43
N ASP A 994 -32.52 -0.80 12.02
CA ASP A 994 -32.48 0.31 12.95
C ASP A 994 -32.34 -0.20 14.38
N PRO A 995 -31.19 -0.03 15.04
CA PRO A 995 -31.07 -0.46 16.43
C PRO A 995 -31.90 0.38 17.38
N ASP A 996 -31.77 1.70 17.29
CA ASP A 996 -32.41 2.63 18.23
C ASP A 996 -33.81 2.96 17.70
N ASP A 997 -34.76 2.10 18.05
CA ASP A 997 -36.14 2.26 17.61
C ASP A 997 -36.76 3.50 18.24
N ALA A 998 -37.71 4.09 17.52
CA ALA A 998 -38.36 5.31 17.98
C ALA A 998 -39.49 5.01 18.96
N ASP A 999 -40.53 4.31 18.51
CA ASP A 999 -41.69 4.02 19.35
C ASP A 999 -42.11 2.56 19.17
N ALA A 1000 -41.15 1.65 19.14
CA ALA A 1000 -41.46 0.24 18.96
C ALA A 1000 -42.13 -0.33 20.21
N ASP A 1001 -42.78 -1.48 20.03
CA ASP A 1001 -43.47 -2.13 21.14
C ASP A 1001 -42.47 -2.60 22.18
N PRO A 1002 -42.75 -2.41 23.48
CA PRO A 1002 -41.80 -2.87 24.51
C PRO A 1002 -41.82 -4.39 24.69
N VAL A 1003 -40.89 -4.91 25.48
CA VAL A 1003 -40.79 -6.34 25.74
C VAL A 1003 -41.02 -6.56 27.22
N GLU A 1004 -42.13 -7.23 27.55
CA GLU A 1004 -42.45 -7.62 28.91
C GLU A 1004 -42.16 -9.11 29.10
N THR A 1005 -42.57 -9.65 30.24
CA THR A 1005 -42.41 -11.08 30.49
C THR A 1005 -43.09 -11.88 29.40
N ILE A 1006 -42.29 -12.64 28.65
CA ILE A 1006 -42.73 -13.32 27.44
C ILE A 1006 -42.34 -14.79 27.51
N ARG A 1007 -43.28 -15.66 27.16
CA ARG A 1007 -42.98 -17.10 27.14
C ARG A 1007 -42.09 -17.48 25.96
N GLY A 1008 -42.07 -16.69 24.89
CA GLY A 1008 -41.10 -16.88 23.83
C GLY A 1008 -41.31 -18.10 22.96
N ASP A 1009 -42.37 -18.11 22.17
CA ASP A 1009 -42.60 -19.14 21.17
C ASP A 1009 -42.47 -18.52 19.79
N ILE A 1010 -41.61 -19.09 18.95
CA ILE A 1010 -41.25 -18.53 17.66
C ILE A 1010 -41.86 -19.40 16.57
N GLU A 1011 -42.50 -18.76 15.58
CA GLU A 1011 -43.08 -19.45 14.45
C GLU A 1011 -42.55 -18.85 13.15
N PHE A 1012 -42.25 -19.73 12.18
CA PHE A 1012 -41.82 -19.33 10.85
C PHE A 1012 -42.92 -19.68 9.86
N ARG A 1013 -43.27 -18.70 9.01
CA ARG A 1013 -44.30 -18.87 8.00
C ARG A 1013 -43.74 -18.43 6.66
N HIS A 1014 -43.32 -19.40 5.85
CA HIS A 1014 -42.83 -19.16 4.49
C HIS A 1014 -41.69 -18.15 4.48
N VAL A 1015 -40.78 -18.26 5.43
CA VAL A 1015 -39.68 -17.30 5.54
C VAL A 1015 -38.65 -17.57 4.45
N ASP A 1016 -38.05 -16.49 3.95
CA ASP A 1016 -37.04 -16.57 2.91
C ASP A 1016 -35.78 -15.88 3.40
N PHE A 1017 -34.62 -16.50 3.14
CA PHE A 1017 -33.36 -15.92 3.55
C PHE A 1017 -32.24 -16.42 2.64
N ALA A 1018 -31.24 -15.56 2.45
CA ALA A 1018 -30.03 -15.92 1.72
C ALA A 1018 -28.88 -15.08 2.27
N TYR A 1019 -27.67 -15.55 2.05
CA TYR A 1019 -26.49 -14.84 2.52
C TYR A 1019 -26.33 -13.53 1.75
N PRO A 1020 -26.27 -12.38 2.41
CA PRO A 1020 -26.06 -11.13 1.69
C PRO A 1020 -24.75 -11.09 0.92
N SER A 1021 -23.72 -11.74 1.44
CA SER A 1021 -22.42 -11.75 0.75
C SER A 1021 -22.52 -12.47 -0.59
N ARG A 1022 -23.14 -13.65 -0.61
CA ARG A 1022 -23.31 -14.44 -1.83
C ARG A 1022 -24.79 -14.46 -2.21
N PRO A 1023 -25.21 -13.61 -3.15
CA PRO A 1023 -26.61 -13.63 -3.58
C PRO A 1023 -26.95 -14.82 -4.47
N ASP A 1024 -25.96 -15.49 -5.04
CA ASP A 1024 -26.22 -16.60 -5.95
C ASP A 1024 -26.62 -17.88 -5.23
N VAL A 1025 -26.38 -17.97 -3.93
CA VAL A 1025 -26.65 -19.18 -3.15
C VAL A 1025 -28.02 -19.05 -2.51
N MET A 1026 -28.87 -20.06 -2.72
CA MET A 1026 -30.20 -20.12 -2.13
C MET A 1026 -30.14 -21.01 -0.91
N VAL A 1027 -30.51 -20.46 0.26
CA VAL A 1027 -30.40 -21.16 1.53
C VAL A 1027 -31.78 -21.57 2.05
N PHE A 1028 -32.65 -20.60 2.32
CA PHE A 1028 -33.99 -20.87 2.81
C PHE A 1028 -35.02 -20.20 1.91
N ARG A 1029 -35.92 -21.00 1.35
CA ARG A 1029 -37.01 -20.52 0.52
C ARG A 1029 -38.32 -21.03 1.10
N ASP A 1030 -39.25 -20.11 1.35
CA ASP A 1030 -40.57 -20.39 1.93
C ASP A 1030 -40.48 -21.41 3.07
N PHE A 1031 -39.49 -21.22 3.93
CA PHE A 1031 -39.28 -22.12 5.05
C PHE A 1031 -40.35 -21.92 6.11
N ASN A 1032 -40.78 -23.02 6.74
CA ASN A 1032 -41.79 -22.99 7.78
C ASN A 1032 -41.33 -23.83 8.95
N LEU A 1033 -41.42 -23.27 10.16
CA LEU A 1033 -41.02 -23.97 11.37
C LEU A 1033 -41.74 -23.33 12.56
N ARG A 1034 -42.08 -24.16 13.54
CA ARG A 1034 -42.80 -23.69 14.71
C ARG A 1034 -42.65 -24.70 15.83
N ILE A 1035 -42.53 -24.19 17.06
CA ILE A 1035 -42.50 -25.03 18.25
C ILE A 1035 -43.92 -25.18 18.77
N ARG A 1036 -44.34 -26.43 19.01
CA ARG A 1036 -45.73 -26.72 19.34
C ARG A 1036 -46.18 -26.04 20.62
N ALA A 1037 -45.63 -26.46 21.76
CA ALA A 1037 -45.94 -25.81 23.03
C ALA A 1037 -44.81 -26.10 24.01
N GLY A 1038 -43.90 -25.13 24.18
CA GLY A 1038 -42.81 -25.22 25.13
C GLY A 1038 -42.11 -26.57 25.20
N HIS A 1039 -41.80 -27.13 24.04
CA HIS A 1039 -41.16 -28.44 23.95
C HIS A 1039 -39.67 -28.27 23.69
N SER A 1040 -38.85 -28.97 24.47
CA SER A 1040 -37.40 -28.90 24.31
C SER A 1040 -37.02 -29.49 22.96
N GLN A 1041 -36.66 -28.62 22.02
CA GLN A 1041 -36.39 -29.01 20.64
C GLN A 1041 -34.91 -29.28 20.45
N ALA A 1042 -34.60 -30.32 19.69
CA ALA A 1042 -33.23 -30.60 19.26
C ALA A 1042 -33.20 -30.63 17.75
N LEU A 1043 -32.14 -30.07 17.17
CA LEU A 1043 -32.00 -29.96 15.72
C LEU A 1043 -30.83 -30.80 15.23
N VAL A 1044 -31.05 -31.52 14.13
CA VAL A 1044 -29.97 -32.27 13.50
C VAL A 1044 -28.91 -31.30 12.97
N GLY A 1045 -27.66 -31.76 12.93
CA GLY A 1045 -26.57 -30.90 12.55
C GLY A 1045 -26.10 -31.09 11.11
N ALA A 1046 -26.02 -32.34 10.67
CA ALA A 1046 -25.48 -32.67 9.35
C ALA A 1046 -24.10 -32.06 9.16
N SER A 1047 -23.28 -32.15 10.20
CA SER A 1047 -21.93 -31.56 10.23
C SER A 1047 -21.98 -30.05 10.00
N GLY A 1048 -23.04 -29.39 10.48
CA GLY A 1048 -23.17 -27.95 10.37
C GLY A 1048 -23.21 -27.44 8.95
N SER A 1049 -24.01 -28.07 8.10
CA SER A 1049 -24.09 -27.69 6.68
C SER A 1049 -25.08 -26.55 6.53
N GLY A 1050 -24.63 -25.35 6.92
CA GLY A 1050 -25.40 -24.14 6.74
C GLY A 1050 -26.49 -23.89 7.76
N LYS A 1051 -26.62 -24.73 8.78
CA LYS A 1051 -27.65 -24.55 9.79
C LYS A 1051 -27.31 -23.48 10.82
N SER A 1052 -26.06 -23.03 10.87
CA SER A 1052 -25.66 -22.03 11.86
C SER A 1052 -26.43 -20.72 11.69
N SER A 1053 -26.99 -20.47 10.51
CA SER A 1053 -27.79 -19.27 10.31
C SER A 1053 -29.15 -19.36 10.98
N VAL A 1054 -29.68 -20.56 11.19
CA VAL A 1054 -31.03 -20.71 11.73
C VAL A 1054 -31.16 -20.00 13.07
N ILE A 1055 -30.21 -20.24 13.98
CA ILE A 1055 -30.23 -19.55 15.27
C ILE A 1055 -30.10 -18.05 15.08
N ALA A 1056 -29.26 -17.61 14.14
CA ALA A 1056 -29.14 -16.19 13.86
C ALA A 1056 -30.44 -15.59 13.36
N MET A 1057 -31.37 -16.43 12.92
CA MET A 1057 -32.66 -15.92 12.47
C MET A 1057 -33.54 -15.49 13.65
N ILE A 1058 -33.38 -16.14 14.81
CA ILE A 1058 -34.19 -15.76 15.97
C ILE A 1058 -33.79 -14.38 16.47
N GLU A 1059 -32.50 -14.12 16.59
CA GLU A 1059 -32.05 -12.80 16.99
C GLU A 1059 -31.97 -11.89 15.75
N ARG A 1060 -32.03 -10.58 16.01
CA ARG A 1060 -32.03 -9.60 14.93
C ARG A 1060 -30.61 -9.40 14.38
N PHE A 1061 -30.07 -10.50 13.82
CA PHE A 1061 -28.80 -10.41 13.10
C PHE A 1061 -29.02 -9.90 11.67
N TYR A 1062 -29.80 -10.63 10.89
CA TYR A 1062 -30.13 -10.26 9.52
C TYR A 1062 -31.64 -10.06 9.39
N ASP A 1063 -32.09 -9.84 8.16
CA ASP A 1063 -33.49 -9.64 7.86
C ASP A 1063 -33.99 -10.69 6.88
N PRO A 1064 -35.14 -11.32 7.14
CA PRO A 1064 -35.66 -12.31 6.19
C PRO A 1064 -35.99 -11.67 4.84
N LEU A 1065 -35.74 -12.43 3.78
CA LEU A 1065 -36.06 -11.94 2.43
C LEU A 1065 -37.56 -11.77 2.27
N ALA A 1066 -38.33 -12.77 2.68
CA ALA A 1066 -39.79 -12.72 2.62
C ALA A 1066 -40.40 -13.83 3.47
N GLY A 1067 -41.33 -13.48 4.34
CA GLY A 1067 -41.96 -14.44 5.22
C GLY A 1067 -42.41 -13.79 6.51
N LYS A 1068 -42.89 -14.62 7.42
CA LYS A 1068 -43.38 -14.15 8.72
C LYS A 1068 -42.60 -14.83 9.83
N VAL A 1069 -42.02 -14.03 10.71
CA VAL A 1069 -41.34 -14.52 11.91
C VAL A 1069 -42.14 -14.02 13.10
N MET A 1070 -43.00 -14.86 13.63
CA MET A 1070 -43.92 -14.47 14.69
C MET A 1070 -43.34 -14.82 16.05
N ILE A 1071 -43.35 -13.84 16.96
CA ILE A 1071 -43.04 -14.03 18.36
C ILE A 1071 -44.15 -13.41 19.19
N ASP A 1072 -44.75 -14.21 20.08
CA ASP A 1072 -45.82 -13.76 20.96
C ASP A 1072 -46.95 -13.08 20.19
N GLY A 1073 -47.31 -13.66 19.04
CA GLY A 1073 -48.41 -13.15 18.26
C GLY A 1073 -48.11 -11.89 17.48
N LYS A 1074 -46.84 -11.54 17.30
CA LYS A 1074 -46.48 -10.35 16.55
C LYS A 1074 -45.13 -10.55 15.88
N ASP A 1075 -44.88 -9.76 14.85
CA ASP A 1075 -43.61 -9.84 14.13
C ASP A 1075 -42.47 -9.26 14.96
N ILE A 1076 -41.28 -9.79 14.75
CA ILE A 1076 -40.09 -9.32 15.46
C ILE A 1076 -39.70 -7.92 15.01
N ARG A 1077 -40.20 -7.46 13.86
CA ARG A 1077 -39.77 -6.18 13.31
C ARG A 1077 -40.34 -4.97 14.05
N ARG A 1078 -41.31 -5.16 14.93
CA ARG A 1078 -41.99 -4.06 15.60
C ARG A 1078 -41.81 -4.12 17.11
N LEU A 1079 -40.62 -4.49 17.57
CA LEU A 1079 -40.30 -4.53 18.98
C LEU A 1079 -39.03 -3.74 19.23
N ASN A 1080 -38.92 -3.15 20.42
CA ASN A 1080 -37.71 -2.44 20.81
C ASN A 1080 -36.61 -3.48 20.99
N LEU A 1081 -35.70 -3.56 20.00
CA LEU A 1081 -34.78 -4.68 19.94
C LEU A 1081 -33.82 -4.72 21.13
N LYS A 1082 -33.58 -3.58 21.79
CA LYS A 1082 -32.69 -3.59 22.94
C LYS A 1082 -33.23 -4.47 24.06
N SER A 1083 -34.52 -4.31 24.39
CA SER A 1083 -35.13 -5.12 25.44
C SER A 1083 -35.12 -6.60 25.05
N LEU A 1084 -35.46 -6.90 23.80
CA LEU A 1084 -35.45 -8.29 23.35
C LEU A 1084 -34.05 -8.90 23.46
N ARG A 1085 -33.03 -8.16 23.04
CA ARG A 1085 -31.66 -8.62 23.23
C ARG A 1085 -31.36 -8.89 24.68
N LEU A 1086 -31.82 -8.00 25.58
CA LEU A 1086 -31.67 -8.26 27.00
C LEU A 1086 -32.39 -9.53 27.42
N LYS A 1087 -33.43 -9.91 26.69
CA LYS A 1087 -34.17 -11.14 27.01
C LYS A 1087 -33.70 -12.34 26.20
N ILE A 1088 -33.15 -12.14 25.00
CA ILE A 1088 -32.64 -13.27 24.23
C ILE A 1088 -31.41 -13.85 24.92
N GLY A 1089 -31.36 -15.18 25.00
CA GLY A 1089 -30.19 -15.90 25.50
C GLY A 1089 -29.51 -16.61 24.35
N LEU A 1090 -28.18 -16.57 24.35
CA LEU A 1090 -27.40 -17.17 23.26
C LEU A 1090 -26.03 -17.55 23.79
N VAL A 1091 -25.46 -18.61 23.23
CA VAL A 1091 -24.13 -19.08 23.58
C VAL A 1091 -23.29 -19.19 22.31
N GLN A 1092 -22.05 -18.75 22.40
CA GLN A 1092 -21.13 -18.82 21.27
C GLN A 1092 -20.30 -20.10 21.34
N GLN A 1093 -19.66 -20.42 20.21
CA GLN A 1093 -18.86 -21.63 20.09
C GLN A 1093 -17.40 -21.32 19.81
N GLU A 1094 -16.90 -20.21 20.33
CA GLU A 1094 -15.52 -19.81 20.14
C GLU A 1094 -14.87 -19.47 21.48
N PRO A 1095 -13.60 -19.82 21.68
CA PRO A 1095 -12.96 -19.55 22.97
C PRO A 1095 -12.50 -18.12 23.14
N ALA A 1096 -12.61 -17.27 22.12
CA ALA A 1096 -12.18 -15.89 22.24
C ALA A 1096 -13.04 -15.14 23.24
N LEU A 1097 -12.40 -14.29 24.02
CA LEU A 1097 -13.09 -13.49 25.03
C LEU A 1097 -12.47 -12.10 25.05
N PHE A 1098 -12.91 -11.28 26.00
CA PHE A 1098 -12.49 -9.89 26.05
C PHE A 1098 -11.11 -9.77 26.66
N ALA A 1099 -10.60 -8.55 26.74
CA ALA A 1099 -9.27 -8.27 27.25
C ALA A 1099 -9.25 -7.96 28.74
N ALA A 1100 -10.40 -7.97 29.41
CA ALA A 1100 -10.45 -7.70 30.84
C ALA A 1100 -10.12 -8.96 31.62
N THR A 1101 -10.18 -8.86 32.95
CA THR A 1101 -9.91 -9.99 33.80
C THR A 1101 -11.08 -10.98 33.75
N ILE A 1102 -10.85 -12.18 34.28
CA ILE A 1102 -11.88 -13.21 34.27
C ILE A 1102 -13.09 -12.78 35.08
N PHE A 1103 -12.86 -12.10 36.22
CA PHE A 1103 -13.98 -11.64 37.03
C PHE A 1103 -14.89 -10.73 36.22
N ASP A 1104 -14.31 -9.78 35.48
CA ASP A 1104 -15.11 -8.96 34.58
C ASP A 1104 -15.71 -9.79 33.45
N ASN A 1105 -15.05 -10.87 33.05
CA ASN A 1105 -15.59 -11.71 31.99
C ASN A 1105 -16.92 -12.33 32.41
N ILE A 1106 -16.97 -12.89 33.61
CA ILE A 1106 -18.27 -13.36 34.11
C ILE A 1106 -19.20 -12.18 34.37
N ALA A 1107 -18.68 -11.08 34.91
CA ALA A 1107 -19.53 -9.96 35.27
C ALA A 1107 -20.11 -9.23 34.06
N TYR A 1108 -19.66 -9.55 32.85
CA TYR A 1108 -20.18 -8.87 31.68
C TYR A 1108 -21.68 -9.04 31.54
N GLY A 1109 -22.17 -10.27 31.73
CA GLY A 1109 -23.61 -10.49 31.71
C GLY A 1109 -24.26 -9.95 32.96
N LYS A 1110 -25.44 -9.34 32.78
CA LYS A 1110 -26.19 -8.73 33.87
C LYS A 1110 -25.32 -7.70 34.61
N ASP A 1111 -25.00 -6.64 33.89
CA ASP A 1111 -24.11 -5.62 34.39
C ASP A 1111 -24.63 -5.03 35.70
N GLY A 1112 -23.72 -4.76 36.62
CA GLY A 1112 -24.06 -4.23 37.93
C GLY A 1112 -24.31 -5.27 38.99
N ALA A 1113 -24.23 -6.55 38.66
CA ALA A 1113 -24.48 -7.60 39.63
C ALA A 1113 -23.37 -7.65 40.67
N THR A 1114 -23.76 -7.98 41.91
CA THR A 1114 -22.79 -8.13 42.98
C THR A 1114 -21.93 -9.36 42.75
N GLU A 1115 -20.70 -9.31 43.28
CA GLU A 1115 -19.78 -10.44 43.11
C GLU A 1115 -20.25 -11.70 43.83
N SER A 1116 -21.20 -11.59 44.75
CA SER A 1116 -21.68 -12.79 45.46
C SER A 1116 -22.39 -13.74 44.51
N GLU A 1117 -23.32 -13.23 43.71
CA GLU A 1117 -23.97 -14.07 42.72
C GLU A 1117 -22.98 -14.50 41.63
N VAL A 1118 -21.93 -13.72 41.40
CA VAL A 1118 -20.88 -14.15 40.49
C VAL A 1118 -20.18 -15.39 41.04
N ILE A 1119 -19.88 -15.39 42.33
CA ILE A 1119 -19.27 -16.56 42.96
C ILE A 1119 -20.23 -17.75 42.92
N ASP A 1120 -21.52 -17.49 43.14
CA ASP A 1120 -22.52 -18.56 43.07
C ASP A 1120 -22.57 -19.16 41.67
N ALA A 1121 -22.54 -18.31 40.64
CA ALA A 1121 -22.54 -18.81 39.28
C ALA A 1121 -21.25 -19.54 38.95
N ALA A 1122 -20.12 -19.12 39.53
CA ALA A 1122 -18.89 -19.87 39.38
C ALA A 1122 -18.99 -21.25 40.01
N ARG A 1123 -19.62 -21.34 41.18
CA ARG A 1123 -19.88 -22.65 41.80
C ARG A 1123 -20.74 -23.51 40.88
N ALA A 1124 -21.80 -22.92 40.32
CA ALA A 1124 -22.70 -23.67 39.45
C ALA A 1124 -22.00 -24.15 38.19
N ALA A 1125 -21.15 -23.30 37.60
CA ALA A 1125 -20.46 -23.66 36.37
C ALA A 1125 -19.37 -24.69 36.63
N ASN A 1126 -19.02 -24.92 37.89
CA ASN A 1126 -18.00 -25.90 38.27
C ASN A 1126 -16.65 -25.55 37.64
N ALA A 1127 -16.30 -24.27 37.65
CA ALA A 1127 -15.02 -23.80 37.13
C ALA A 1127 -14.11 -23.25 38.22
N HIS A 1128 -14.45 -23.48 39.50
CA HIS A 1128 -13.64 -22.93 40.58
C HIS A 1128 -12.23 -23.51 40.57
N GLY A 1129 -12.10 -24.81 40.33
CA GLY A 1129 -10.79 -25.41 40.21
C GLY A 1129 -10.01 -24.89 39.01
N PHE A 1130 -10.71 -24.57 37.93
CA PHE A 1130 -10.06 -24.10 36.72
C PHE A 1130 -9.42 -22.72 36.90
N ILE A 1131 -9.74 -22.01 37.98
CA ILE A 1131 -9.22 -20.67 38.19
C ILE A 1131 -8.44 -20.60 39.49
N SER A 1132 -8.68 -21.57 40.39
CA SER A 1132 -8.00 -21.55 41.69
C SER A 1132 -6.54 -21.97 41.56
N GLY A 1133 -6.22 -22.79 40.57
CA GLY A 1133 -4.83 -23.19 40.37
C GLY A 1133 -3.94 -22.01 40.04
N LEU A 1134 -4.45 -21.06 39.29
CA LEU A 1134 -3.68 -19.86 38.98
C LEU A 1134 -3.50 -19.01 40.23
N PRO A 1135 -2.31 -18.50 40.51
CA PRO A 1135 -2.09 -17.76 41.76
C PRO A 1135 -2.95 -16.52 41.89
N GLU A 1136 -3.27 -15.83 40.80
CA GLU A 1136 -4.00 -14.58 40.89
C GLU A 1136 -5.49 -14.76 41.11
N GLY A 1137 -6.02 -15.97 40.92
CA GLY A 1137 -7.43 -16.20 41.17
C GLY A 1137 -8.31 -15.41 40.22
N TYR A 1138 -9.31 -14.72 40.77
CA TYR A 1138 -10.27 -13.97 39.96
C TYR A 1138 -9.68 -12.72 39.33
N LYS A 1139 -8.51 -12.28 39.78
CA LYS A 1139 -7.93 -11.02 39.32
C LYS A 1139 -6.93 -11.20 38.19
N THR A 1140 -6.78 -12.40 37.66
CA THR A 1140 -5.79 -12.65 36.62
C THR A 1140 -6.26 -12.05 35.29
N PRO A 1141 -5.43 -11.27 34.61
CA PRO A 1141 -5.75 -10.89 33.24
C PRO A 1141 -5.66 -12.09 32.32
N VAL A 1142 -6.55 -12.14 31.34
CA VAL A 1142 -6.69 -13.28 30.44
C VAL A 1142 -6.56 -12.81 29.01
N GLY A 1143 -5.95 -13.65 28.17
CA GLY A 1143 -5.78 -13.34 26.76
C GLY A 1143 -4.46 -12.65 26.48
N GLU A 1144 -4.45 -11.76 25.48
CA GLU A 1144 -3.26 -10.99 25.18
C GLU A 1144 -2.92 -10.09 26.37
N ARG A 1145 -1.62 -9.95 26.63
CA ARG A 1145 -1.12 -9.23 27.81
C ARG A 1145 -1.72 -9.83 29.09
N GLY A 1146 -1.84 -11.15 29.12
CA GLY A 1146 -2.40 -11.84 30.27
C GLY A 1146 -2.23 -13.33 30.12
N VAL A 1147 -2.81 -14.06 31.07
CA VAL A 1147 -2.69 -15.51 31.06
C VAL A 1147 -3.56 -16.08 29.94
N GLN A 1148 -3.19 -17.27 29.47
CA GLN A 1148 -3.94 -17.97 28.44
C GLN A 1148 -4.41 -19.32 28.99
N LEU A 1149 -5.66 -19.66 28.73
CA LEU A 1149 -6.24 -20.90 29.21
C LEU A 1149 -6.57 -21.82 28.04
N SER A 1150 -6.33 -23.11 28.23
CA SER A 1150 -6.59 -24.11 27.20
C SER A 1150 -7.89 -24.86 27.50
N GLY A 1151 -8.32 -25.65 26.53
CA GLY A 1151 -9.53 -26.43 26.66
C GLY A 1151 -10.77 -25.63 26.35
N GLY A 1152 -11.90 -26.32 26.43
CA GLY A 1152 -13.21 -25.72 26.18
C GLY A 1152 -13.85 -25.06 27.37
N GLN A 1153 -13.15 -25.00 28.51
CA GLN A 1153 -13.71 -24.39 29.70
C GLN A 1153 -14.12 -22.93 29.48
N LYS A 1154 -13.49 -22.25 28.53
CA LYS A 1154 -13.90 -20.88 28.21
C LYS A 1154 -15.36 -20.85 27.79
N GLN A 1155 -15.78 -21.80 26.96
CA GLN A 1155 -17.19 -21.92 26.64
C GLN A 1155 -18.01 -22.16 27.91
N ARG A 1156 -17.50 -23.02 28.80
CA ARG A 1156 -18.14 -23.19 30.10
C ARG A 1156 -18.22 -21.87 30.85
N ILE A 1157 -17.20 -21.02 30.71
CA ILE A 1157 -17.27 -19.69 31.31
C ILE A 1157 -18.45 -18.92 30.75
N ALA A 1158 -18.66 -19.02 29.43
CA ALA A 1158 -19.84 -18.40 28.83
C ALA A 1158 -21.12 -18.96 29.44
N ILE A 1159 -21.13 -20.25 29.78
CA ILE A 1159 -22.27 -20.83 30.48
C ILE A 1159 -22.51 -20.09 31.80
N ALA A 1160 -21.42 -19.77 32.50
CA ALA A 1160 -21.54 -18.97 33.71
C ALA A 1160 -22.22 -17.63 33.42
N ARG A 1161 -21.93 -17.05 32.26
CA ARG A 1161 -22.66 -15.85 31.86
C ARG A 1161 -24.13 -16.15 31.66
N ALA A 1162 -24.45 -17.25 30.98
CA ALA A 1162 -25.84 -17.54 30.63
C ALA A 1162 -26.70 -17.73 31.87
N VAL A 1163 -26.20 -18.45 32.88
CA VAL A 1163 -26.97 -18.64 34.10
C VAL A 1163 -27.19 -17.33 34.82
N LEU A 1164 -26.35 -16.32 34.57
CA LEU A 1164 -26.63 -14.99 35.11
C LEU A 1164 -27.86 -14.38 34.47
N LYS A 1165 -28.01 -14.57 33.15
CA LYS A 1165 -29.18 -14.04 32.47
C LYS A 1165 -30.46 -14.75 32.91
N ASN A 1166 -30.40 -16.08 33.06
CA ASN A 1166 -31.53 -16.98 33.25
C ASN A 1166 -32.73 -16.48 32.45
N PRO A 1167 -32.58 -16.30 31.14
CA PRO A 1167 -33.60 -15.58 30.38
C PRO A 1167 -34.85 -16.42 30.15
N THR A 1168 -35.95 -15.72 29.90
CA THR A 1168 -37.20 -16.39 29.52
C THR A 1168 -37.12 -17.02 28.14
N VAL A 1169 -36.19 -16.58 27.31
CA VAL A 1169 -35.95 -17.18 26.00
C VAL A 1169 -34.44 -17.35 25.84
N LEU A 1170 -34.04 -18.53 25.37
CA LEU A 1170 -32.63 -18.91 25.35
C LEU A 1170 -32.34 -19.73 24.10
N LEU A 1171 -31.09 -19.67 23.66
CA LEU A 1171 -30.62 -20.40 22.48
C LEU A 1171 -29.34 -21.14 22.82
N LEU A 1172 -29.10 -22.25 22.11
CA LEU A 1172 -27.91 -23.05 22.32
C LEU A 1172 -27.30 -23.44 20.99
N ASP A 1173 -25.99 -23.70 21.01
CA ASP A 1173 -25.25 -24.13 19.84
C ASP A 1173 -24.04 -24.93 20.30
N GLU A 1174 -23.48 -25.69 19.37
CA GLU A 1174 -22.30 -26.50 19.64
C GLU A 1174 -21.24 -26.22 18.58
N ALA A 1175 -19.97 -26.33 18.99
CA ALA A 1175 -18.85 -26.11 18.08
C ALA A 1175 -18.80 -27.26 17.09
N THR A 1176 -19.24 -26.99 15.85
CA THR A 1176 -19.33 -28.02 14.83
C THR A 1176 -17.95 -28.29 14.24
N SER A 1177 -17.50 -29.54 14.33
CA SER A 1177 -16.23 -30.00 13.77
C SER A 1177 -15.04 -29.23 14.32
N ALA A 1178 -15.20 -28.59 15.48
CA ALA A 1178 -14.13 -27.82 16.09
C ALA A 1178 -13.72 -28.37 17.46
N LEU A 1179 -14.68 -28.58 18.35
CA LEU A 1179 -14.38 -29.04 19.71
C LEU A 1179 -14.07 -30.54 19.65
N ASP A 1180 -12.80 -30.85 19.47
CA ASP A 1180 -12.32 -32.23 19.52
C ASP A 1180 -11.77 -32.62 20.88
N ALA A 1181 -11.83 -31.71 21.86
CA ALA A 1181 -11.33 -32.00 23.19
C ALA A 1181 -12.23 -32.99 23.91
N GLU A 1182 -11.66 -33.65 24.91
CA GLU A 1182 -12.37 -34.67 25.68
C GLU A 1182 -13.24 -34.00 26.74
N SER A 1183 -13.76 -34.80 27.67
CA SER A 1183 -14.59 -34.31 28.77
C SER A 1183 -15.84 -33.60 28.27
N GLU A 1184 -16.43 -34.12 27.19
CA GLU A 1184 -17.69 -33.58 26.70
C GLU A 1184 -18.86 -33.93 27.62
N CYS A 1185 -18.70 -34.93 28.49
CA CYS A 1185 -19.76 -35.28 29.43
C CYS A 1185 -20.04 -34.13 30.39
N VAL A 1186 -18.98 -33.43 30.82
CA VAL A 1186 -19.18 -32.27 31.69
C VAL A 1186 -19.96 -31.17 30.97
N LEU A 1187 -19.64 -30.94 29.69
CA LEU A 1187 -20.36 -29.95 28.91
C LEU A 1187 -21.84 -30.33 28.78
N GLN A 1188 -22.11 -31.61 28.49
CA GLN A 1188 -23.48 -32.05 28.36
C GLN A 1188 -24.23 -31.91 29.68
N GLU A 1189 -23.59 -32.26 30.80
CA GLU A 1189 -24.23 -32.12 32.10
C GLU A 1189 -24.51 -30.66 32.42
N ALA A 1190 -23.57 -29.77 32.10
CA ALA A 1190 -23.77 -28.35 32.38
C ALA A 1190 -24.92 -27.78 31.54
N LEU A 1191 -24.97 -28.13 30.25
CA LEU A 1191 -26.05 -27.62 29.43
C LEU A 1191 -27.40 -28.23 29.82
N GLU A 1192 -27.40 -29.47 30.30
CA GLU A 1192 -28.63 -30.05 30.83
C GLU A 1192 -29.08 -29.31 32.09
N ARG A 1193 -28.13 -28.95 32.96
CA ARG A 1193 -28.45 -28.12 34.11
C ARG A 1193 -28.96 -26.75 33.70
N LEU A 1194 -28.51 -26.24 32.56
CA LEU A 1194 -28.97 -24.92 32.09
C LEU A 1194 -30.45 -24.93 31.75
N MET A 1195 -30.95 -26.03 31.18
CA MET A 1195 -32.34 -26.12 30.75
C MET A 1195 -33.27 -26.66 31.82
N ARG A 1196 -32.79 -26.82 33.05
CA ARG A 1196 -33.64 -27.36 34.11
C ARG A 1196 -34.83 -26.46 34.39
N GLY A 1197 -34.60 -25.14 34.45
CA GLY A 1197 -35.66 -24.22 34.79
C GLY A 1197 -36.47 -23.68 33.63
N ARG A 1198 -36.00 -23.87 32.40
CA ARG A 1198 -36.69 -23.34 31.23
C ARG A 1198 -36.49 -24.28 30.05
N THR A 1199 -37.53 -24.41 29.22
CA THR A 1199 -37.44 -25.22 28.00
C THR A 1199 -36.63 -24.48 26.96
N THR A 1200 -35.53 -25.09 26.52
CA THR A 1200 -34.62 -24.48 25.56
C THR A 1200 -34.61 -25.27 24.26
N VAL A 1201 -33.91 -24.72 23.28
CA VAL A 1201 -33.71 -25.35 21.98
C VAL A 1201 -32.22 -25.56 21.76
N VAL A 1202 -31.87 -26.71 21.18
CA VAL A 1202 -30.49 -27.11 21.00
C VAL A 1202 -30.24 -27.32 19.51
N VAL A 1203 -29.16 -26.73 19.00
CA VAL A 1203 -28.68 -26.99 17.65
C VAL A 1203 -27.23 -27.46 17.76
N ALA A 1204 -26.97 -28.68 17.31
CA ALA A 1204 -25.64 -29.27 17.47
C ALA A 1204 -25.39 -30.26 16.37
N HIS A 1205 -24.11 -30.49 16.10
CA HIS A 1205 -23.67 -31.51 15.14
C HIS A 1205 -23.37 -32.84 15.81
N ARG A 1206 -23.52 -32.94 17.13
CA ARG A 1206 -23.20 -34.17 17.84
C ARG A 1206 -24.15 -35.28 17.42
N LEU A 1207 -23.58 -36.35 16.86
CA LEU A 1207 -24.38 -37.48 16.40
C LEU A 1207 -25.02 -38.24 17.56
N SER A 1208 -24.44 -38.15 18.76
CA SER A 1208 -24.98 -38.79 19.95
C SER A 1208 -25.17 -37.74 21.04
N THR A 1209 -25.56 -38.21 22.22
CA THR A 1209 -25.77 -37.36 23.40
C THR A 1209 -26.78 -36.24 23.12
N ILE A 1210 -27.94 -36.64 22.61
CA ILE A 1210 -29.07 -35.74 22.41
C ILE A 1210 -30.07 -36.00 23.54
N ARG A 1211 -30.41 -34.95 24.28
CA ARG A 1211 -31.36 -35.05 25.38
C ARG A 1211 -32.67 -34.33 25.09
N GLY A 1212 -32.92 -33.94 23.84
CA GLY A 1212 -34.17 -33.31 23.50
C GLY A 1212 -35.34 -34.26 23.60
N VAL A 1213 -36.52 -33.70 23.80
CA VAL A 1213 -37.74 -34.48 24.03
C VAL A 1213 -38.64 -34.34 22.80
N ASP A 1214 -38.94 -35.48 22.17
CA ASP A 1214 -39.93 -35.58 21.10
C ASP A 1214 -39.65 -34.61 19.95
N CYS A 1215 -38.39 -34.22 19.77
CA CYS A 1215 -38.04 -33.24 18.74
C CYS A 1215 -36.62 -33.52 18.27
N ILE A 1216 -36.47 -33.95 17.02
CA ILE A 1216 -35.16 -34.09 16.41
C ILE A 1216 -35.09 -33.19 15.18
N GLY A 1217 -36.24 -32.93 14.56
CA GLY A 1217 -36.36 -32.01 13.44
C GLY A 1217 -35.35 -32.23 12.33
N VAL A 1218 -35.43 -33.37 11.65
CA VAL A 1218 -34.50 -33.66 10.56
C VAL A 1218 -34.87 -32.80 9.35
N ILE A 1219 -34.11 -31.74 9.13
CA ILE A 1219 -34.35 -30.80 8.04
C ILE A 1219 -33.09 -30.73 7.18
N GLN A 1220 -33.27 -30.83 5.87
CA GLN A 1220 -32.14 -30.76 4.95
C GLN A 1220 -32.62 -30.18 3.62
N ASP A 1221 -31.65 -29.95 2.73
CA ASP A 1221 -31.88 -29.41 1.38
C ASP A 1221 -32.81 -28.20 1.39
N GLY A 1222 -32.80 -27.45 2.50
CA GLY A 1222 -33.64 -26.26 2.59
C GLY A 1222 -35.12 -26.54 2.63
N ARG A 1223 -35.53 -27.77 2.92
CA ARG A 1223 -36.93 -28.14 2.95
C ARG A 1223 -37.21 -28.97 4.19
N ILE A 1224 -38.42 -28.81 4.72
CA ILE A 1224 -38.85 -29.57 5.88
C ILE A 1224 -39.25 -30.98 5.42
N VAL A 1225 -38.61 -31.99 6.00
CA VAL A 1225 -38.84 -33.38 5.60
C VAL A 1225 -39.12 -34.29 6.79
N GLU A 1226 -39.10 -33.77 8.02
CA GLU A 1226 -39.35 -34.59 9.19
C GLU A 1226 -39.88 -33.71 10.32
N GLN A 1227 -41.10 -34.01 10.78
CA GLN A 1227 -41.72 -33.28 11.88
C GLN A 1227 -42.06 -34.21 13.04
N GLY A 1228 -41.42 -35.37 13.12
CA GLY A 1228 -41.69 -36.36 14.13
C GLY A 1228 -40.75 -36.27 15.32
N SER A 1229 -40.49 -37.42 15.94
CA SER A 1229 -39.64 -37.52 17.12
C SER A 1229 -38.59 -38.59 16.90
N HIS A 1230 -37.39 -38.36 17.44
CA HIS A 1230 -36.32 -39.34 17.32
C HIS A 1230 -36.67 -40.63 18.04
N SER A 1231 -37.34 -40.54 19.20
CA SER A 1231 -37.73 -41.72 19.93
C SER A 1231 -38.78 -42.54 19.19
N GLU A 1232 -39.45 -41.97 18.19
CA GLU A 1232 -40.43 -42.68 17.40
C GLU A 1232 -40.05 -42.81 15.93
N LEU A 1233 -39.05 -42.06 15.45
CA LEU A 1233 -38.63 -42.18 14.07
C LEU A 1233 -37.84 -43.45 13.80
N VAL A 1234 -37.35 -44.11 14.86
CA VAL A 1234 -36.60 -45.36 14.68
C VAL A 1234 -37.50 -46.43 14.08
N SER A 1235 -38.81 -46.36 14.31
CA SER A 1235 -39.74 -47.31 13.72
C SER A 1235 -39.96 -47.09 12.23
N ARG A 1236 -39.48 -45.97 11.68
CA ARG A 1236 -39.66 -45.69 10.26
C ARG A 1236 -38.49 -46.25 9.48
N PRO A 1237 -38.70 -47.23 8.60
CA PRO A 1237 -37.57 -47.80 7.86
C PRO A 1237 -37.15 -46.97 6.66
N GLU A 1238 -38.10 -46.26 6.06
CA GLU A 1238 -37.85 -45.46 4.87
C GLU A 1238 -38.44 -44.06 5.06
N GLY A 1239 -37.76 -43.07 4.50
CA GLY A 1239 -38.19 -41.69 4.63
C GLY A 1239 -37.05 -40.77 5.03
N ALA A 1240 -37.33 -39.78 5.88
CA ALA A 1240 -36.27 -38.93 6.40
C ALA A 1240 -35.30 -39.70 7.27
N TYR A 1241 -35.73 -40.81 7.88
CA TYR A 1241 -34.84 -41.61 8.71
C TYR A 1241 -33.73 -42.26 7.91
N SER A 1242 -33.96 -42.59 6.64
CA SER A 1242 -32.92 -43.22 5.83
C SER A 1242 -31.71 -42.33 5.68
N ARG A 1243 -31.93 -41.04 5.41
CA ARG A 1243 -30.81 -40.10 5.37
C ARG A 1243 -30.39 -39.65 6.76
N LEU A 1244 -31.30 -39.71 7.74
CA LEU A 1244 -30.90 -39.48 9.12
C LEU A 1244 -29.99 -40.60 9.62
N LEU A 1245 -30.28 -41.84 9.21
CA LEU A 1245 -29.44 -42.97 9.59
C LEU A 1245 -28.06 -42.92 8.95
N GLN A 1246 -27.73 -41.83 8.25
CA GLN A 1246 -26.43 -41.76 7.60
C GLN A 1246 -25.29 -41.84 8.61
N LEU A 1247 -25.29 -40.97 9.61
CA LEU A 1247 -24.28 -41.16 10.65
C LEU A 1247 -24.86 -41.81 11.90
N GLN A 1248 -25.40 -40.98 12.78
CA GLN A 1248 -26.44 -41.19 13.82
C GLN A 1248 -26.07 -42.34 14.77
N THR A 1249 -25.23 -43.30 14.38
CA THR A 1249 -25.04 -44.46 15.25
C THR A 1249 -23.57 -44.82 15.43
N HIS A 1250 -22.86 -45.00 14.32
CA HIS A 1250 -21.62 -45.76 14.35
C HIS A 1250 -20.46 -44.97 13.78
N ARG A 1251 -20.74 -44.08 12.83
CA ARG A 1251 -19.69 -43.32 12.17
C ARG A 1251 -19.28 -42.11 12.99
N ILE A 1252 -19.58 -42.12 14.28
CA ILE A 1252 -19.20 -41.05 15.19
C ILE A 1252 -17.69 -40.99 15.36
#